data_6WDV
#
_entry.id   6WDV
#
_cell.length_a   80.670
_cell.length_b   80.670
_cell.length_c   246.842
_cell.angle_alpha   90.000
_cell.angle_beta   90.000
_cell.angle_gamma   120.000
#
_symmetry.space_group_name_H-M   'P 31 2 1'
#
loop_
_entity.id
_entity.type
_entity.pdbx_description
1 polymer 'Polyamine deacetylase HDAC10'
2 non-polymer 4-({3-[(dimethylamino)methyl]-1H-indol-1-yl}methyl)-N-hydroxybenzamide
3 non-polymer 'PHOSPHATE ION'
4 non-polymer 'ZINC ION'
5 non-polymer 'POTASSIUM ION'
6 water water
#
_entity_poly.entity_id   1
_entity_poly.type   'polypeptide(L)'
_entity_poly.pdbx_seq_one_letter_code
;AASGSALIFDEEMSRYKLLWTDPECEIEVPERLTVSYEALRTHGLAQRCKAVPVRQATEQEILLAHSEEYLEAVKQTPGM
NVEELMAFSKKYNAVYFHQNIYHCAKLAAGATLQLVDSVMKREVRNGMALVRPPGHHSQRSAANGFCVFNNVAFAALYAK
KNYNLNRILIVDWDVHHGQGIQYCFEEDPSVLYFSWHRYEHQSFWPNLPESDYSSVGKGKGSGFNINLPWNKVGMTNSDY
LAAFFHVLLPVAYEFDPELVIVSAGFDSAIGDPEGEMCALPEIFAHLTHLLMPLAAGKMCVVLEGGYNLTSLGQSVCQTV
HSLLGDPTPRISGLGTACDSALESIQNVRNVQSSYWSSFKHLAQSETNPKRPRLDATNGGPKESSEPASESNPKKTAQDI
VWPEPLKRMPASVRTVVVPPPGVELTLPKNCQHSGDISESTAKEVQRIRDKHFHDLTDQNILRSLGNIISVLDRMMRSDE
VCNGCVVVSDLSVSVQCALQHALTEPAERVLVVYVGDGELPVKTNDGKVFLVQICTKETEDKCVNRLTLCLREGESLTAG
FMQALLGLILPVAYEFNPALVLGIVEETAAKTRLMRVWGHMTCLIQGLARGRMLTLLQGYDKDLLELTVSALSGASISPL
GPLRAPKPEDVEMMEKQRQRLQERWGLLRCTVSESW
;
_entity_poly.pdbx_strand_id   A
#
loop_
_chem_comp.id
_chem_comp.type
_chem_comp.name
_chem_comp.formula
K non-polymer 'POTASSIUM ION' 'K 1'
PO4 non-polymer 'PHOSPHATE ION' 'O4 P -3'
TWM non-polymer 4-({3-[(dimethylamino)methyl]-1H-indol-1-yl}methyl)-N-hydroxybenzamide 'C19 H21 N3 O2'
ZN non-polymer 'ZINC ION' 'Zn 2'
#
# COMPACT_ATOMS: atom_id res chain seq x y z
N ALA A 1 14.79 -6.49 -12.87
CA ALA A 1 14.87 -5.92 -14.22
C ALA A 1 13.50 -5.57 -14.79
N ALA A 2 12.43 -6.11 -14.21
CA ALA A 2 11.10 -5.92 -14.79
C ALA A 2 10.65 -4.47 -14.73
N SER A 3 9.83 -4.08 -15.70
CA SER A 3 9.34 -2.72 -15.78
CA SER A 3 9.36 -2.71 -15.81
C SER A 3 8.00 -2.74 -16.49
N GLY A 4 7.20 -1.70 -16.23
CA GLY A 4 5.87 -1.59 -16.79
C GLY A 4 4.76 -2.17 -15.90
N SER A 5 3.52 -1.87 -16.27
CA SER A 5 2.36 -2.33 -15.53
C SER A 5 1.33 -2.87 -16.51
N ALA A 6 0.84 -4.07 -16.25
CA ALA A 6 -0.09 -4.71 -17.14
C ALA A 6 -1.52 -4.28 -16.83
N LEU A 7 -2.32 -4.09 -17.88
CA LEU A 7 -3.74 -3.82 -17.76
C LEU A 7 -4.48 -4.85 -18.61
N ILE A 8 -5.16 -5.78 -17.94
CA ILE A 8 -5.89 -6.84 -18.61
C ILE A 8 -7.35 -6.46 -18.58
N PHE A 9 -7.97 -6.38 -19.75
CA PHE A 9 -9.36 -5.96 -19.85
C PHE A 9 -9.91 -6.52 -21.15
N ASP A 10 -11.23 -6.73 -21.20
CA ASP A 10 -11.87 -7.10 -22.45
C ASP A 10 -13.36 -6.85 -22.36
N GLU A 11 -13.89 -6.13 -23.36
CA GLU A 11 -15.28 -5.70 -23.34
C GLU A 11 -16.26 -6.88 -23.37
N GLU A 12 -15.77 -8.08 -23.69
CA GLU A 12 -16.67 -9.24 -23.67
C GLU A 12 -17.25 -9.47 -22.27
N MET A 13 -16.49 -9.18 -21.22
CA MET A 13 -16.95 -9.44 -19.86
C MET A 13 -18.06 -8.49 -19.43
N SER A 14 -18.36 -7.45 -20.20
CA SER A 14 -19.53 -6.63 -19.95
C SER A 14 -20.77 -7.12 -20.65
N ARG A 15 -20.71 -8.29 -21.30
CA ARG A 15 -21.80 -8.79 -22.15
C ARG A 15 -22.60 -9.90 -21.46
N TYR A 16 -22.92 -9.70 -20.19
CA TYR A 16 -23.91 -10.49 -19.48
C TYR A 16 -24.48 -9.55 -18.44
N LYS A 17 -25.74 -9.76 -18.07
CA LYS A 17 -26.43 -8.85 -17.17
C LYS A 17 -27.62 -9.57 -16.54
N LEU A 18 -28.19 -8.93 -15.51
CA LEU A 18 -29.38 -9.45 -14.85
C LEU A 18 -30.60 -9.34 -15.77
N LEU A 19 -31.35 -10.43 -15.88
CA LEU A 19 -32.46 -10.52 -16.84
C LEU A 19 -33.84 -10.60 -16.20
N TRP A 20 -33.93 -10.56 -14.86
CA TRP A 20 -35.21 -10.48 -14.17
C TRP A 20 -35.07 -9.46 -13.04
N THR A 21 -36.18 -9.12 -12.40
CA THR A 21 -36.11 -8.16 -11.31
C THR A 21 -35.69 -8.87 -10.03
N ASP A 22 -34.76 -8.26 -9.32
CA ASP A 22 -34.18 -8.81 -8.10
C ASP A 22 -33.39 -7.68 -7.46
N PRO A 23 -33.92 -7.09 -6.39
CA PRO A 23 -33.29 -5.88 -5.82
C PRO A 23 -31.90 -6.14 -5.24
N GLU A 24 -31.57 -7.38 -4.89
CA GLU A 24 -30.21 -7.65 -4.41
C GLU A 24 -29.19 -7.60 -5.54
N CYS A 25 -29.56 -8.05 -6.74
CA CYS A 25 -28.59 -8.18 -7.83
C CYS A 25 -28.58 -7.00 -8.78
N GLU A 26 -29.55 -6.09 -8.69
CA GLU A 26 -29.64 -4.95 -9.59
C GLU A 26 -28.34 -4.15 -9.65
N ILE A 27 -27.59 -4.10 -8.54
CA ILE A 27 -26.44 -3.20 -8.48
C ILE A 27 -25.30 -3.65 -9.36
N GLU A 28 -25.27 -4.90 -9.78
CA GLU A 28 -24.09 -5.44 -10.46
C GLU A 28 -24.33 -5.36 -11.96
N VAL A 29 -23.78 -4.33 -12.59
CA VAL A 29 -24.12 -4.00 -13.97
C VAL A 29 -22.87 -4.05 -14.81
N PRO A 30 -23.02 -4.25 -16.13
CA PRO A 30 -21.88 -4.18 -17.05
C PRO A 30 -21.14 -2.85 -17.01
N GLU A 31 -21.85 -1.75 -16.78
CA GLU A 31 -21.23 -0.43 -16.81
C GLU A 31 -20.11 -0.28 -15.79
N ARG A 32 -20.07 -1.12 -14.74
CA ARG A 32 -18.93 -1.07 -13.82
C ARG A 32 -17.63 -1.30 -14.57
N LEU A 33 -17.62 -2.23 -15.51
CA LEU A 33 -16.42 -2.48 -16.29
C LEU A 33 -16.19 -1.36 -17.30
N THR A 34 -17.25 -0.95 -18.00
CA THR A 34 -17.14 0.12 -18.99
C THR A 34 -16.59 1.39 -18.37
N VAL A 35 -17.22 1.83 -17.28
CA VAL A 35 -16.82 3.07 -16.61
C VAL A 35 -15.37 3.01 -16.15
N SER A 36 -14.94 1.88 -15.58
CA SER A 36 -13.57 1.81 -15.07
C SER A 36 -12.55 1.87 -16.21
N TYR A 37 -12.79 1.13 -17.29
CA TYR A 37 -11.84 1.19 -18.39
C TYR A 37 -11.81 2.58 -19.03
N GLU A 38 -12.99 3.18 -19.24
CA GLU A 38 -13.03 4.51 -19.83
C GLU A 38 -12.40 5.55 -18.93
N ALA A 39 -12.54 5.43 -17.61
CA ALA A 39 -11.83 6.34 -16.73
C ALA A 39 -10.33 6.21 -16.90
N LEU A 40 -9.84 4.99 -17.12
CA LEU A 40 -8.40 4.80 -17.28
C LEU A 40 -7.91 5.37 -18.61
N ARG A 41 -8.73 5.30 -19.67
CA ARG A 41 -8.35 5.88 -20.95
C ARG A 41 -8.35 7.40 -20.91
N THR A 42 -9.42 7.99 -20.36
CA THR A 42 -9.51 9.44 -20.24
C THR A 42 -8.27 10.05 -19.60
N HIS A 43 -7.73 9.41 -18.56
CA HIS A 43 -6.57 9.96 -17.86
C HIS A 43 -5.24 9.52 -18.47
N GLY A 44 -5.26 8.91 -19.65
CA GLY A 44 -4.04 8.43 -20.27
C GLY A 44 -3.35 7.32 -19.52
N LEU A 45 -4.07 6.61 -18.65
CA LEU A 45 -3.45 5.58 -17.82
C LEU A 45 -3.40 4.23 -18.53
N ALA A 46 -4.50 3.84 -19.16
CA ALA A 46 -4.52 2.63 -19.97
C ALA A 46 -3.39 2.63 -20.99
N GLN A 47 -3.29 3.72 -21.76
CA GLN A 47 -2.23 3.89 -22.77
C GLN A 47 -0.83 3.68 -22.22
N ARG A 48 -0.60 4.00 -20.96
CA ARG A 48 0.72 3.76 -20.36
C ARG A 48 0.92 2.32 -19.91
N CYS A 49 -0.13 1.50 -19.96
CA CYS A 49 -0.07 0.13 -19.49
C CYS A 49 0.15 -0.82 -20.65
N LYS A 50 0.83 -1.93 -20.36
CA LYS A 50 0.96 -3.01 -21.34
C LYS A 50 -0.34 -3.81 -21.36
N ALA A 51 -1.08 -3.70 -22.45
CA ALA A 51 -2.30 -4.47 -22.61
C ALA A 51 -1.97 -5.94 -22.86
N VAL A 52 -2.40 -6.80 -21.96
CA VAL A 52 -2.22 -8.24 -22.08
C VAL A 52 -3.59 -8.83 -22.35
N PRO A 53 -3.74 -9.68 -23.36
CA PRO A 53 -5.10 -10.15 -23.70
C PRO A 53 -5.62 -11.12 -22.66
N VAL A 54 -6.95 -11.13 -22.51
CA VAL A 54 -7.59 -12.17 -21.72
C VAL A 54 -7.48 -13.52 -22.45
N ARG A 55 -7.69 -14.59 -21.68
CA ARG A 55 -7.86 -15.93 -22.22
C ARG A 55 -8.90 -16.63 -21.37
N GLN A 56 -9.40 -17.76 -21.85
CA GLN A 56 -10.26 -18.61 -21.02
C GLN A 56 -9.39 -19.41 -20.06
N ALA A 57 -9.80 -19.48 -18.80
CA ALA A 57 -9.21 -20.50 -17.92
C ALA A 57 -9.58 -21.88 -18.44
N THR A 58 -8.61 -22.80 -18.42
CA THR A 58 -8.93 -24.16 -18.85
C THR A 58 -9.74 -24.90 -17.78
N GLU A 59 -10.31 -26.04 -18.18
CA GLU A 59 -11.02 -26.88 -17.22
C GLU A 59 -10.10 -27.35 -16.11
N GLN A 60 -8.90 -27.82 -16.47
CA GLN A 60 -7.92 -28.22 -15.46
C GLN A 60 -7.67 -27.10 -14.47
N GLU A 61 -7.54 -25.87 -14.97
CA GLU A 61 -7.29 -24.74 -14.10
C GLU A 61 -8.46 -24.47 -13.16
N ILE A 62 -9.70 -24.51 -13.68
CA ILE A 62 -10.86 -24.27 -12.82
C ILE A 62 -10.92 -25.31 -11.70
N LEU A 63 -10.55 -26.55 -12.01
CA LEU A 63 -10.59 -27.64 -11.04
C LEU A 63 -9.55 -27.49 -9.93
N LEU A 64 -8.60 -26.55 -10.07
CA LEU A 64 -7.71 -26.24 -8.96
C LEU A 64 -8.48 -25.76 -7.75
N ALA A 65 -9.62 -25.09 -7.96
CA ALA A 65 -10.37 -24.44 -6.91
C ALA A 65 -11.81 -24.85 -6.84
N HIS A 66 -12.34 -25.54 -7.84
CA HIS A 66 -13.74 -25.90 -7.86
C HIS A 66 -13.88 -27.38 -8.16
N SER A 67 -15.07 -27.89 -7.86
CA SER A 67 -15.33 -29.32 -7.97
C SER A 67 -15.95 -29.61 -9.31
N GLU A 68 -15.70 -30.83 -9.79
CA GLU A 68 -16.24 -31.24 -11.08
C GLU A 68 -17.75 -31.08 -11.11
N GLU A 69 -18.42 -31.43 -10.01
CA GLU A 69 -19.88 -31.36 -9.98
C GLU A 69 -20.36 -29.94 -10.26
N TYR A 70 -19.73 -28.95 -9.61
CA TYR A 70 -20.18 -27.58 -9.72
C TYR A 70 -19.81 -27.01 -11.08
N LEU A 71 -18.60 -27.30 -11.57
CA LEU A 71 -18.24 -26.87 -12.92
C LEU A 71 -19.18 -27.44 -13.97
N GLU A 72 -19.50 -28.74 -13.84
CA GLU A 72 -20.46 -29.36 -14.75
C GLU A 72 -21.80 -28.66 -14.72
N ALA A 73 -22.26 -28.25 -13.54
CA ALA A 73 -23.55 -27.58 -13.48
C ALA A 73 -23.49 -26.20 -14.12
N VAL A 74 -22.40 -25.45 -13.88
CA VAL A 74 -22.26 -24.13 -14.47
C VAL A 74 -22.15 -24.24 -15.99
N LYS A 75 -21.49 -25.29 -16.47
CA LYS A 75 -21.27 -25.50 -17.89
C LYS A 75 -22.57 -25.72 -18.65
N GLN A 76 -23.67 -26.00 -17.97
CA GLN A 76 -24.93 -26.14 -18.69
CA GLN A 76 -24.97 -26.16 -18.61
C GLN A 76 -25.73 -24.84 -18.76
N THR A 77 -25.29 -23.78 -18.09
CA THR A 77 -26.08 -22.55 -18.11
C THR A 77 -26.09 -21.83 -19.47
N PRO A 78 -25.07 -21.94 -20.33
CA PRO A 78 -25.21 -21.31 -21.66
C PRO A 78 -26.36 -21.88 -22.48
N GLY A 79 -26.78 -23.11 -22.22
CA GLY A 79 -27.91 -23.66 -22.93
C GLY A 79 -29.26 -23.39 -22.31
N MET A 80 -29.35 -22.50 -21.32
CA MET A 80 -30.60 -22.30 -20.58
C MET A 80 -31.35 -21.06 -21.03
N ASN A 81 -32.67 -21.17 -21.13
CA ASN A 81 -33.49 -19.98 -21.27
C ASN A 81 -33.62 -19.26 -19.91
N VAL A 82 -34.34 -18.15 -19.88
CA VAL A 82 -34.28 -17.30 -18.70
C VAL A 82 -35.02 -17.93 -17.51
N GLU A 83 -36.10 -18.67 -17.77
CA GLU A 83 -36.78 -19.38 -16.69
C GLU A 83 -35.85 -20.38 -16.02
N GLU A 84 -35.12 -21.16 -16.82
CA GLU A 84 -34.15 -22.10 -16.27
C GLU A 84 -33.00 -21.40 -15.58
N LEU A 85 -32.60 -20.21 -16.06
CA LEU A 85 -31.50 -19.49 -15.43
C LEU A 85 -31.92 -18.91 -14.09
N MET A 86 -33.18 -18.49 -13.98
CA MET A 86 -33.69 -18.01 -12.71
C MET A 86 -33.75 -19.15 -11.69
N ALA A 87 -34.30 -20.30 -12.08
CA ALA A 87 -34.34 -21.45 -11.19
C ALA A 87 -32.93 -21.85 -10.73
N PHE A 88 -31.96 -21.89 -11.66
CA PHE A 88 -30.60 -22.30 -11.29
C PHE A 88 -29.95 -21.26 -10.38
N SER A 89 -30.22 -19.98 -10.63
CA SER A 89 -29.66 -18.93 -9.78
C SER A 89 -30.21 -19.03 -8.36
N LYS A 90 -31.48 -19.43 -8.22
CA LYS A 90 -32.13 -19.47 -6.93
C LYS A 90 -31.54 -20.53 -6.02
N LYS A 91 -30.76 -21.48 -6.56
CA LYS A 91 -30.05 -22.45 -5.73
C LYS A 91 -28.92 -21.82 -4.93
N TYR A 92 -28.61 -20.57 -5.19
CA TYR A 92 -27.46 -19.92 -4.58
C TYR A 92 -27.92 -18.61 -3.99
N ASN A 93 -27.04 -17.98 -3.21
N ASN A 93 -27.04 -17.96 -3.25
CA ASN A 93 -27.35 -16.74 -2.51
CA ASN A 93 -27.38 -16.76 -2.51
C ASN A 93 -26.78 -15.55 -3.27
C ASN A 93 -26.78 -15.52 -3.19
N ALA A 94 -27.65 -14.60 -3.61
CA ALA A 94 -27.26 -13.32 -4.21
C ALA A 94 -26.39 -13.51 -5.47
N VAL A 95 -26.90 -14.28 -6.41
CA VAL A 95 -26.20 -14.44 -7.68
C VAL A 95 -27.25 -14.65 -8.75
N TYR A 96 -26.97 -14.13 -9.93
CA TYR A 96 -27.80 -14.36 -11.09
C TYR A 96 -26.92 -14.92 -12.20
N PHE A 97 -27.51 -15.78 -13.03
CA PHE A 97 -26.83 -16.36 -14.18
C PHE A 97 -27.45 -15.83 -15.47
N HIS A 98 -26.74 -16.04 -16.58
CA HIS A 98 -27.03 -15.47 -17.89
C HIS A 98 -26.33 -16.36 -18.92
N GLN A 99 -26.93 -16.46 -20.13
CA GLN A 99 -26.41 -17.35 -21.16
CA GLN A 99 -26.40 -17.41 -21.10
C GLN A 99 -24.91 -17.19 -21.38
N ASN A 100 -24.38 -16.00 -21.12
CA ASN A 100 -22.97 -15.70 -21.37
C ASN A 100 -22.11 -15.62 -20.10
N ILE A 101 -22.64 -15.95 -18.92
CA ILE A 101 -21.85 -15.72 -17.72
C ILE A 101 -20.80 -16.80 -17.53
N TYR A 102 -21.08 -18.04 -17.95
CA TYR A 102 -20.03 -19.06 -17.88
C TYR A 102 -18.84 -18.63 -18.72
N HIS A 103 -19.11 -18.20 -19.97
CA HIS A 103 -18.07 -17.70 -20.84
C HIS A 103 -17.28 -16.58 -20.16
N CYS A 104 -17.96 -15.53 -19.70
CA CYS A 104 -17.23 -14.44 -19.04
C CYS A 104 -16.55 -14.85 -17.74
N ALA A 105 -17.16 -15.76 -16.95
CA ALA A 105 -16.47 -16.27 -15.78
C ALA A 105 -15.14 -16.92 -16.18
N LYS A 106 -15.13 -17.72 -17.24
CA LYS A 106 -13.85 -18.29 -17.64
C LYS A 106 -12.88 -17.21 -18.08
N LEU A 107 -13.38 -16.10 -18.65
CA LEU A 107 -12.49 -15.00 -19.07
C LEU A 107 -11.94 -14.24 -17.87
N ALA A 108 -12.82 -13.92 -16.90
CA ALA A 108 -12.38 -13.25 -15.67
C ALA A 108 -11.30 -14.06 -14.99
N ALA A 109 -11.47 -15.39 -14.96
CA ALA A 109 -10.44 -16.24 -14.38
C ALA A 109 -9.16 -16.26 -15.22
N GLY A 110 -9.30 -16.49 -16.53
CA GLY A 110 -8.12 -16.50 -17.39
C GLY A 110 -7.37 -15.18 -17.38
N ALA A 111 -8.12 -14.07 -17.42
CA ALA A 111 -7.49 -12.77 -17.25
C ALA A 111 -6.57 -12.74 -16.02
N THR A 112 -7.05 -13.23 -14.87
CA THR A 112 -6.23 -13.23 -13.66
C THR A 112 -4.98 -14.06 -13.84
N LEU A 113 -5.11 -15.24 -14.47
CA LEU A 113 -3.93 -16.05 -14.72
C LEU A 113 -2.96 -15.35 -15.67
N GLN A 114 -3.49 -14.64 -16.68
CA GLN A 114 -2.62 -13.84 -17.55
C GLN A 114 -1.81 -12.86 -16.73
N LEU A 115 -2.50 -12.16 -15.80
CA LEU A 115 -1.80 -11.20 -14.94
C LEU A 115 -0.74 -11.88 -14.10
N VAL A 116 -1.06 -13.05 -13.53
CA VAL A 116 -0.10 -13.77 -12.69
C VAL A 116 1.12 -14.20 -13.51
N ASP A 117 0.90 -14.65 -14.75
CA ASP A 117 2.01 -15.05 -15.62
C ASP A 117 2.88 -13.85 -16.01
N SER A 118 2.26 -12.74 -16.42
CA SER A 118 3.07 -11.58 -16.81
C SER A 118 3.97 -11.11 -15.68
N VAL A 119 3.42 -11.04 -14.47
CA VAL A 119 4.18 -10.59 -13.31
C VAL A 119 5.27 -11.59 -12.95
N MET A 120 4.91 -12.87 -12.84
CA MET A 120 5.88 -13.89 -12.42
C MET A 120 6.90 -14.23 -13.50
N LYS A 121 6.63 -13.91 -14.76
CA LYS A 121 7.63 -14.07 -15.82
C LYS A 121 8.49 -12.83 -15.98
N ARG A 122 8.27 -11.79 -15.17
CA ARG A 122 9.05 -10.56 -15.20
C ARG A 122 8.80 -9.74 -16.46
N GLU A 123 7.72 -10.01 -17.19
CA GLU A 123 7.39 -9.19 -18.36
C GLU A 123 6.89 -7.82 -17.95
N VAL A 124 6.33 -7.70 -16.74
CA VAL A 124 5.91 -6.44 -16.14
C VAL A 124 6.25 -6.48 -14.66
N ARG A 125 6.27 -5.30 -14.05
CA ARG A 125 6.49 -5.19 -12.62
C ARG A 125 5.26 -5.64 -11.83
N ASN A 126 4.07 -5.25 -12.28
CA ASN A 126 2.82 -5.41 -11.54
C ASN A 126 1.70 -5.26 -12.56
N GLY A 127 0.46 -5.30 -12.09
CA GLY A 127 -0.63 -5.02 -13.00
C GLY A 127 -1.99 -5.17 -12.33
N MET A 128 -3.01 -4.93 -13.13
CA MET A 128 -4.41 -4.94 -12.71
C MET A 128 -5.26 -5.61 -13.78
N ALA A 129 -6.19 -6.45 -13.36
CA ALA A 129 -7.19 -7.05 -14.23
C ALA A 129 -8.57 -6.47 -13.89
N LEU A 130 -9.21 -5.81 -14.86
CA LEU A 130 -10.59 -5.38 -14.71
C LEU A 130 -11.50 -6.51 -15.20
N VAL A 131 -12.17 -7.20 -14.28
CA VAL A 131 -12.91 -8.40 -14.65
C VAL A 131 -14.33 -8.34 -14.10
N ARG A 132 -15.22 -9.07 -14.77
CA ARG A 132 -16.56 -9.40 -14.34
C ARG A 132 -16.74 -10.84 -14.82
N PRO A 133 -17.40 -11.71 -14.05
CA PRO A 133 -17.94 -11.47 -12.70
C PRO A 133 -16.82 -11.45 -11.66
N PRO A 134 -17.10 -10.87 -10.50
CA PRO A 134 -16.13 -10.94 -9.38
C PRO A 134 -15.94 -12.37 -8.90
N GLY A 135 -15.01 -12.54 -7.97
CA GLY A 135 -14.68 -13.87 -7.53
C GLY A 135 -14.73 -14.21 -6.04
N HIS A 136 -14.45 -13.26 -5.13
CA HIS A 136 -13.97 -13.68 -3.80
C HIS A 136 -15.05 -14.34 -2.93
N HIS A 137 -16.34 -14.20 -3.26
CA HIS A 137 -17.38 -14.93 -2.54
C HIS A 137 -17.53 -16.36 -3.03
N SER A 138 -17.02 -16.67 -4.22
CA SER A 138 -17.14 -17.98 -4.82
C SER A 138 -16.50 -19.08 -3.98
N GLN A 139 -17.14 -20.25 -3.95
CA GLN A 139 -16.70 -21.38 -3.14
C GLN A 139 -16.52 -22.64 -3.99
N ARG A 140 -15.89 -23.66 -3.38
N ARG A 140 -15.87 -23.65 -3.38
CA ARG A 140 -15.49 -24.86 -4.11
CA ARG A 140 -15.51 -24.87 -4.09
C ARG A 140 -16.65 -25.46 -4.92
C ARG A 140 -16.66 -25.43 -4.93
N SER A 141 -17.86 -25.49 -4.35
CA SER A 141 -19.02 -26.06 -5.04
C SER A 141 -20.20 -25.10 -5.08
N ALA A 142 -19.97 -23.79 -5.01
CA ALA A 142 -21.12 -22.90 -5.07
C ALA A 142 -20.74 -21.52 -5.59
N ALA A 143 -21.65 -20.93 -6.35
CA ALA A 143 -21.63 -19.50 -6.64
C ALA A 143 -22.27 -18.72 -5.50
N ASN A 144 -21.81 -17.49 -5.31
CA ASN A 144 -22.25 -16.70 -4.17
C ASN A 144 -21.92 -15.23 -4.44
N GLY A 145 -22.84 -14.33 -4.09
CA GLY A 145 -22.57 -12.90 -4.13
C GLY A 145 -21.95 -12.41 -5.44
N PHE A 146 -22.69 -12.59 -6.55
CA PHE A 146 -22.29 -12.21 -7.90
C PHE A 146 -21.08 -12.99 -8.42
N CYS A 147 -20.47 -13.85 -7.60
CA CYS A 147 -19.25 -14.56 -7.98
C CYS A 147 -19.55 -15.98 -8.49
N VAL A 148 -18.90 -16.37 -9.58
CA VAL A 148 -19.08 -17.70 -10.16
C VAL A 148 -17.88 -18.60 -9.87
N PHE A 149 -16.68 -18.14 -10.20
CA PHE A 149 -15.45 -18.83 -9.88
C PHE A 149 -14.59 -17.85 -9.10
N ASN A 150 -13.65 -18.36 -8.31
CA ASN A 150 -12.89 -17.51 -7.38
C ASN A 150 -11.58 -17.11 -8.05
N ASN A 151 -11.63 -15.99 -8.76
CA ASN A 151 -10.49 -15.52 -9.57
C ASN A 151 -9.22 -15.39 -8.74
N VAL A 152 -9.31 -14.80 -7.56
CA VAL A 152 -8.10 -14.58 -6.75
C VAL A 152 -7.62 -15.87 -6.14
N ALA A 153 -8.53 -16.77 -5.77
CA ALA A 153 -8.10 -18.07 -5.25
C ALA A 153 -7.36 -18.86 -6.33
N PHE A 154 -7.93 -18.94 -7.55
CA PHE A 154 -7.25 -19.42 -8.75
C PHE A 154 -5.82 -18.93 -8.81
N ALA A 155 -5.68 -17.60 -8.78
CA ALA A 155 -4.39 -16.97 -9.01
C ALA A 155 -3.35 -17.47 -8.02
N ALA A 156 -3.73 -17.69 -6.77
CA ALA A 156 -2.75 -18.16 -5.80
C ALA A 156 -2.47 -19.64 -5.96
N LEU A 157 -3.50 -20.45 -6.19
CA LEU A 157 -3.28 -21.86 -6.46
C LEU A 157 -2.39 -22.05 -7.70
N TYR A 158 -2.72 -21.33 -8.78
CA TYR A 158 -1.92 -21.35 -10.00
C TYR A 158 -0.49 -20.89 -9.76
N ALA A 159 -0.31 -19.77 -9.03
CA ALA A 159 1.05 -19.33 -8.71
C ALA A 159 1.80 -20.36 -7.88
N LYS A 160 1.10 -21.05 -6.98
CA LYS A 160 1.72 -22.12 -6.20
C LYS A 160 2.19 -23.26 -7.11
N LYS A 161 1.28 -23.76 -7.96
CA LYS A 161 1.58 -24.93 -8.77
C LYS A 161 2.68 -24.66 -9.78
N ASN A 162 2.59 -23.54 -10.50
CA ASN A 162 3.46 -23.30 -11.65
C ASN A 162 4.72 -22.51 -11.35
N TYR A 163 4.83 -21.91 -10.17
CA TYR A 163 6.06 -21.21 -9.81
C TYR A 163 6.62 -21.68 -8.49
N ASN A 164 5.96 -22.63 -7.83
CA ASN A 164 6.43 -23.20 -6.57
C ASN A 164 6.73 -22.12 -5.54
N LEU A 165 5.79 -21.18 -5.41
CA LEU A 165 5.88 -20.17 -4.37
C LEU A 165 5.51 -20.80 -3.04
N ASN A 166 6.28 -20.46 -2.01
CA ASN A 166 5.93 -20.93 -0.67
C ASN A 166 5.09 -19.95 0.12
N ARG A 167 5.07 -18.67 -0.26
CA ARG A 167 4.42 -17.63 0.53
C ARG A 167 3.72 -16.66 -0.40
N ILE A 168 2.40 -16.61 -0.32
CA ILE A 168 1.59 -15.68 -1.09
C ILE A 168 0.70 -14.90 -0.11
N LEU A 169 0.73 -13.58 -0.24
CA LEU A 169 -0.17 -12.70 0.50
C LEU A 169 -1.33 -12.28 -0.39
N ILE A 170 -2.56 -12.47 0.11
CA ILE A 170 -3.76 -11.94 -0.52
C ILE A 170 -4.31 -10.85 0.39
N VAL A 171 -4.55 -9.67 -0.16
CA VAL A 171 -5.11 -8.54 0.56
C VAL A 171 -6.48 -8.26 -0.05
N ASP A 172 -7.54 -8.40 0.76
CA ASP A 172 -8.92 -8.23 0.29
C ASP A 172 -9.49 -6.97 0.91
N TRP A 173 -9.42 -5.86 0.17
CA TRP A 173 -9.92 -4.61 0.70
C TRP A 173 -11.31 -4.27 0.16
N ASP A 174 -11.96 -5.23 -0.46
CA ASP A 174 -13.39 -5.12 -0.70
C ASP A 174 -14.13 -4.87 0.62
N VAL A 175 -15.33 -4.28 0.54
CA VAL A 175 -16.08 -4.02 1.76
C VAL A 175 -16.77 -5.26 2.31
N HIS A 176 -16.86 -6.32 1.53
CA HIS A 176 -17.47 -7.58 1.95
C HIS A 176 -16.36 -8.59 2.27
N HIS A 177 -16.70 -9.58 3.10
CA HIS A 177 -15.75 -10.63 3.46
C HIS A 177 -15.59 -11.62 2.32
N GLY A 178 -14.34 -11.88 1.93
CA GLY A 178 -14.12 -12.86 0.86
C GLY A 178 -14.11 -14.27 1.41
N GLN A 179 -15.27 -14.75 1.83
CA GLN A 179 -15.32 -16.00 2.57
C GLN A 179 -14.91 -17.17 1.70
N GLY A 180 -15.18 -17.10 0.39
CA GLY A 180 -14.67 -18.11 -0.52
C GLY A 180 -13.16 -18.26 -0.41
N ILE A 181 -12.45 -17.14 -0.28
CA ILE A 181 -10.99 -17.19 -0.20
C ILE A 181 -10.55 -17.79 1.12
N GLN A 182 -11.20 -17.36 2.22
CA GLN A 182 -10.88 -17.87 3.55
C GLN A 182 -11.07 -19.38 3.62
N TYR A 183 -12.21 -19.87 3.13
CA TYR A 183 -12.44 -21.31 3.11
C TYR A 183 -11.34 -22.02 2.34
N CYS A 184 -10.91 -21.43 1.23
CA CYS A 184 -10.02 -22.16 0.34
C CYS A 184 -8.65 -22.30 0.95
N PHE A 185 -8.19 -21.32 1.71
CA PHE A 185 -6.85 -21.39 2.29
C PHE A 185 -6.83 -21.51 3.83
N GLU A 186 -7.97 -21.84 4.45
CA GLU A 186 -8.07 -22.05 5.89
C GLU A 186 -6.88 -22.80 6.49
N GLU A 187 -6.54 -23.95 5.90
CA GLU A 187 -5.50 -24.80 6.48
C GLU A 187 -4.14 -24.59 5.85
N ASP A 188 -4.00 -23.63 4.95
CA ASP A 188 -2.79 -23.53 4.15
C ASP A 188 -1.91 -22.41 4.69
N PRO A 189 -0.81 -22.72 5.39
CA PRO A 189 0.09 -21.66 5.86
C PRO A 189 0.88 -20.99 4.74
N SER A 190 0.79 -21.44 3.50
CA SER A 190 1.56 -20.79 2.45
C SER A 190 0.84 -19.59 1.85
N VAL A 191 -0.46 -19.44 2.09
CA VAL A 191 -1.22 -18.27 1.66
C VAL A 191 -1.70 -17.50 2.89
N LEU A 192 -1.28 -16.26 3.03
CA LEU A 192 -1.80 -15.40 4.07
C LEU A 192 -2.94 -14.55 3.47
N TYR A 193 -4.13 -14.68 4.05
CA TYR A 193 -5.31 -13.88 3.66
C TYR A 193 -5.62 -12.83 4.72
N PHE A 194 -5.61 -11.56 4.32
CA PHE A 194 -6.12 -10.47 5.12
C PHE A 194 -7.38 -9.91 4.47
N SER A 195 -8.42 -9.67 5.28
CA SER A 195 -9.65 -9.04 4.80
C SER A 195 -10.23 -8.13 5.87
N TRP A 196 -10.49 -6.88 5.51
CA TRP A 196 -11.37 -6.05 6.31
C TRP A 196 -12.75 -6.08 5.66
N HIS A 197 -13.79 -5.79 6.44
CA HIS A 197 -15.12 -5.89 5.85
C HIS A 197 -16.18 -5.36 6.80
N ARG A 198 -17.19 -4.71 6.24
CA ARG A 198 -18.36 -4.35 7.00
C ARG A 198 -18.98 -5.60 7.59
N TYR A 199 -19.13 -5.60 8.93
CA TYR A 199 -19.63 -6.75 9.68
C TYR A 199 -20.85 -6.39 10.50
N GLU A 200 -20.76 -5.33 11.30
CA GLU A 200 -21.86 -4.85 12.15
C GLU A 200 -22.38 -5.98 13.06
N HIS A 201 -21.44 -6.60 13.77
CA HIS A 201 -21.77 -7.66 14.74
C HIS A 201 -22.56 -8.79 14.07
N GLN A 202 -22.14 -9.15 12.86
CA GLN A 202 -22.68 -10.24 12.05
C GLN A 202 -24.04 -9.90 11.45
N SER A 203 -24.50 -8.65 11.55
CA SER A 203 -25.76 -8.31 10.91
C SER A 203 -25.62 -7.94 9.44
N PHE A 204 -24.40 -7.74 8.93
CA PHE A 204 -24.20 -7.40 7.52
C PHE A 204 -23.85 -8.63 6.71
N TRP A 205 -24.41 -8.71 5.49
CA TRP A 205 -24.17 -9.82 4.58
C TRP A 205 -22.67 -10.04 4.37
N PRO A 206 -22.20 -11.30 4.29
CA PRO A 206 -22.93 -12.57 4.30
C PRO A 206 -23.26 -13.16 5.69
N ASN A 207 -23.16 -12.40 6.80
CA ASN A 207 -23.77 -12.80 8.08
C ASN A 207 -23.11 -14.06 8.67
N LEU A 208 -21.79 -14.09 8.69
CA LEU A 208 -21.08 -15.31 9.01
C LEU A 208 -20.34 -15.20 10.32
N PRO A 209 -20.58 -16.11 11.27
CA PRO A 209 -19.78 -16.11 12.50
C PRO A 209 -18.30 -16.12 12.22
N GLU A 210 -17.84 -16.85 11.20
CA GLU A 210 -16.42 -16.99 10.94
C GLU A 210 -15.85 -15.83 10.13
N SER A 211 -16.65 -14.79 9.82
CA SER A 211 -16.07 -13.54 9.33
C SER A 211 -15.48 -12.69 10.46
N ASP A 212 -15.53 -13.16 11.70
CA ASP A 212 -15.11 -12.34 12.83
C ASP A 212 -13.62 -12.46 13.03
N TYR A 213 -13.10 -11.64 13.94
CA TYR A 213 -11.66 -11.56 14.19
C TYR A 213 -11.10 -12.84 14.79
N SER A 214 -11.94 -13.72 15.31
CA SER A 214 -11.41 -14.89 16.02
C SER A 214 -11.08 -16.03 15.07
N SER A 215 -11.48 -15.95 13.80
CA SER A 215 -11.13 -16.97 12.81
C SER A 215 -9.74 -16.65 12.31
N VAL A 216 -8.75 -17.40 12.79
CA VAL A 216 -7.36 -17.16 12.47
C VAL A 216 -6.79 -18.22 11.55
N GLY A 217 -7.64 -19.09 11.02
CA GLY A 217 -7.19 -20.26 10.28
C GLY A 217 -7.27 -21.52 11.12
N LYS A 218 -7.07 -22.65 10.46
CA LYS A 218 -7.15 -23.96 11.11
C LYS A 218 -5.86 -24.75 10.89
N GLY A 219 -5.49 -25.54 11.91
CA GLY A 219 -4.43 -26.53 11.76
C GLY A 219 -3.10 -25.87 11.46
N LYS A 220 -2.39 -26.40 10.45
CA LYS A 220 -1.11 -25.80 10.09
C LYS A 220 -1.28 -24.34 9.64
N GLY A 221 -2.50 -23.92 9.30
CA GLY A 221 -2.77 -22.57 8.87
C GLY A 221 -3.20 -21.58 9.94
N SER A 222 -3.17 -21.95 11.22
CA SER A 222 -3.56 -21.02 12.27
C SER A 222 -2.65 -19.80 12.27
N GLY A 223 -3.26 -18.62 12.17
CA GLY A 223 -2.49 -17.39 12.11
C GLY A 223 -2.28 -16.82 10.72
N PHE A 224 -2.71 -17.53 9.67
CA PHE A 224 -2.56 -17.06 8.29
C PHE A 224 -3.90 -16.66 7.69
N ASN A 225 -4.93 -16.57 8.52
CA ASN A 225 -6.18 -15.89 8.20
C ASN A 225 -6.37 -14.76 9.19
N ILE A 226 -6.71 -13.58 8.68
CA ILE A 226 -6.82 -12.37 9.48
C ILE A 226 -8.05 -11.59 9.02
N ASN A 227 -9.09 -11.58 9.86
CA ASN A 227 -10.31 -10.82 9.60
C ASN A 227 -10.33 -9.58 10.49
N LEU A 228 -10.58 -8.43 9.89
CA LEU A 228 -10.80 -7.18 10.62
C LEU A 228 -12.22 -6.74 10.35
N PRO A 229 -13.16 -7.03 11.24
CA PRO A 229 -14.56 -6.65 11.00
C PRO A 229 -14.80 -5.19 11.34
N TRP A 230 -15.50 -4.48 10.45
CA TRP A 230 -15.95 -3.12 10.76
C TRP A 230 -17.35 -3.20 11.36
N ASN A 231 -17.51 -2.70 12.57
CA ASN A 231 -18.79 -2.87 13.23
C ASN A 231 -19.66 -1.62 13.21
N LYS A 232 -19.23 -0.56 12.52
CA LYS A 232 -20.06 0.59 12.20
C LYS A 232 -19.73 1.03 10.79
N VAL A 233 -20.71 1.66 10.13
CA VAL A 233 -20.46 2.20 8.78
C VAL A 233 -19.68 3.50 8.93
N GLY A 234 -19.46 4.18 7.80
CA GLY A 234 -18.75 5.47 7.81
C GLY A 234 -17.27 5.43 8.15
N MET A 235 -16.59 4.31 7.98
CA MET A 235 -15.15 4.29 8.24
C MET A 235 -14.39 5.19 7.26
N THR A 236 -13.30 5.78 7.74
CA THR A 236 -12.61 6.87 7.06
C THR A 236 -11.19 6.47 6.66
N ASN A 237 -10.52 7.38 5.94
CA ASN A 237 -9.11 7.17 5.62
C ASN A 237 -8.31 6.78 6.87
N SER A 238 -8.60 7.42 8.01
CA SER A 238 -7.84 7.14 9.22
C SER A 238 -8.07 5.71 9.71
N ASP A 239 -9.29 5.19 9.60
CA ASP A 239 -9.52 3.81 9.97
C ASP A 239 -8.73 2.85 9.08
N TYR A 240 -8.81 3.06 7.76
CA TYR A 240 -8.11 2.20 6.81
C TYR A 240 -6.61 2.23 7.06
N LEU A 241 -6.04 3.42 7.22
CA LEU A 241 -4.60 3.49 7.46
C LEU A 241 -4.22 2.86 8.80
N ALA A 242 -5.04 3.09 9.85
CA ALA A 242 -4.78 2.42 11.13
C ALA A 242 -4.81 0.90 10.97
N ALA A 243 -5.75 0.38 10.18
CA ALA A 243 -5.74 -1.04 9.86
C ALA A 243 -4.43 -1.48 9.21
N PHE A 244 -3.89 -0.68 8.28
CA PHE A 244 -2.66 -1.09 7.59
C PHE A 244 -1.45 -0.97 8.51
N PHE A 245 -1.29 0.16 9.22
CA PHE A 245 -0.08 0.35 10.04
C PHE A 245 -0.05 -0.61 11.23
N HIS A 246 -1.20 -0.90 11.84
CA HIS A 246 -1.19 -1.62 13.09
C HIS A 246 -1.64 -3.08 12.99
N VAL A 247 -2.13 -3.51 11.82
CA VAL A 247 -2.47 -4.92 11.66
C VAL A 247 -1.76 -5.50 10.44
N LEU A 248 -2.10 -5.00 9.25
CA LEU A 248 -1.74 -5.72 8.02
C LEU A 248 -0.24 -5.65 7.74
N LEU A 249 0.32 -4.44 7.69
CA LEU A 249 1.74 -4.33 7.32
C LEU A 249 2.68 -4.98 8.32
N PRO A 250 2.51 -4.85 9.63
CA PRO A 250 3.44 -5.56 10.52
C PRO A 250 3.46 -7.04 10.23
N VAL A 251 2.33 -7.61 9.83
CA VAL A 251 2.29 -9.03 9.54
C VAL A 251 2.88 -9.31 8.16
N ALA A 252 2.59 -8.44 7.19
CA ALA A 252 2.97 -8.72 5.81
C ALA A 252 4.49 -8.67 5.63
N TYR A 253 5.17 -7.73 6.28
CA TYR A 253 6.62 -7.65 6.11
C TYR A 253 7.34 -8.77 6.84
N GLU A 254 6.76 -9.28 7.94
CA GLU A 254 7.35 -10.44 8.59
C GLU A 254 7.09 -11.70 7.78
N PHE A 255 5.90 -11.83 7.20
CA PHE A 255 5.57 -12.95 6.33
C PHE A 255 6.51 -13.00 5.12
N ASP A 256 6.89 -11.84 4.57
CA ASP A 256 7.80 -11.69 3.44
C ASP A 256 7.28 -12.49 2.23
N PRO A 257 6.13 -12.12 1.68
CA PRO A 257 5.54 -12.92 0.60
C PRO A 257 6.37 -12.86 -0.67
N GLU A 258 6.25 -13.92 -1.46
CA GLU A 258 6.92 -13.95 -2.75
C GLU A 258 6.06 -13.34 -3.84
N LEU A 259 4.75 -13.20 -3.61
CA LEU A 259 3.84 -12.55 -4.52
C LEU A 259 2.70 -11.95 -3.69
N VAL A 260 2.14 -10.84 -4.16
CA VAL A 260 0.98 -10.19 -3.56
C VAL A 260 -0.15 -10.12 -4.57
N ILE A 261 -1.31 -10.65 -4.20
CA ILE A 261 -2.53 -10.54 -4.98
C ILE A 261 -3.54 -9.75 -4.17
N VAL A 262 -4.23 -8.81 -4.81
CA VAL A 262 -5.16 -7.93 -4.14
C VAL A 262 -6.57 -8.19 -4.66
N SER A 263 -7.48 -8.57 -3.76
CA SER A 263 -8.90 -8.52 -4.06
C SER A 263 -9.29 -7.07 -3.93
N ALA A 264 -9.33 -6.38 -5.07
CA ALA A 264 -9.48 -4.93 -5.08
C ALA A 264 -10.92 -4.58 -5.38
N GLY A 265 -11.76 -4.69 -4.35
CA GLY A 265 -13.13 -4.22 -4.41
C GLY A 265 -13.21 -2.81 -3.86
N PHE A 266 -13.89 -1.93 -4.60
CA PHE A 266 -13.90 -0.52 -4.27
C PHE A 266 -15.26 -0.09 -3.74
N ASP A 267 -16.13 -1.04 -3.43
CA ASP A 267 -17.31 -0.73 -2.62
C ASP A 267 -16.95 -0.34 -1.20
N SER A 268 -15.68 -0.34 -0.83
CA SER A 268 -15.25 0.21 0.45
C SER A 268 -14.99 1.71 0.36
N ALA A 269 -15.24 2.32 -0.79
CA ALA A 269 -14.96 3.74 -1.02
C ALA A 269 -16.20 4.57 -0.76
N ILE A 270 -15.95 5.86 -0.43
CA ILE A 270 -17.03 6.81 -0.23
C ILE A 270 -18.03 6.74 -1.37
N GLY A 271 -19.32 6.85 -1.03
CA GLY A 271 -20.35 6.90 -2.03
C GLY A 271 -20.93 5.57 -2.42
N ASP A 272 -20.30 4.47 -2.04
CA ASP A 272 -20.82 3.19 -2.46
C ASP A 272 -22.11 2.87 -1.73
N PRO A 273 -23.15 2.44 -2.44
CA PRO A 273 -24.45 2.23 -1.77
C PRO A 273 -24.45 1.02 -0.87
N GLU A 274 -23.48 0.11 -1.03
CA GLU A 274 -23.42 -1.10 -0.23
C GLU A 274 -22.45 -1.01 0.94
N GLY A 275 -21.26 -0.45 0.75
CA GLY A 275 -20.32 -0.35 1.83
C GLY A 275 -20.67 0.74 2.83
N GLU A 276 -21.12 1.88 2.30
CA GLU A 276 -21.50 3.04 3.10
C GLU A 276 -20.36 3.55 3.98
N MET A 277 -19.12 3.30 3.56
CA MET A 277 -17.95 3.87 4.21
C MET A 277 -17.64 5.26 3.63
N CYS A 278 -16.52 5.82 4.07
CA CYS A 278 -16.25 7.23 3.84
C CYS A 278 -14.82 7.48 3.39
N ALA A 279 -14.05 6.45 3.05
CA ALA A 279 -12.70 6.67 2.59
C ALA A 279 -12.70 7.25 1.17
N LEU A 280 -11.83 8.22 0.95
CA LEU A 280 -11.71 8.85 -0.36
C LEU A 280 -10.98 7.93 -1.34
N PRO A 281 -11.24 8.11 -2.64
CA PRO A 281 -10.51 7.32 -3.65
C PRO A 281 -9.02 7.41 -3.49
N GLU A 282 -8.53 8.56 -3.04
CA GLU A 282 -7.09 8.73 -2.85
C GLU A 282 -6.49 7.69 -1.91
N ILE A 283 -7.29 7.14 -0.99
CA ILE A 283 -6.70 6.20 -0.03
C ILE A 283 -6.15 4.98 -0.75
N PHE A 284 -6.76 4.60 -1.87
CA PHE A 284 -6.31 3.41 -2.59
C PHE A 284 -4.94 3.62 -3.22
N ALA A 285 -4.61 4.86 -3.58
CA ALA A 285 -3.25 5.16 -4.02
C ALA A 285 -2.24 4.74 -2.97
N HIS A 286 -2.58 4.92 -1.70
CA HIS A 286 -1.67 4.61 -0.60
C HIS A 286 -1.75 3.14 -0.20
N LEU A 287 -2.96 2.56 -0.19
CA LEU A 287 -3.08 1.12 0.02
C LEU A 287 -2.20 0.36 -0.97
N THR A 288 -2.28 0.74 -2.25
CA THR A 288 -1.38 0.18 -3.25
C THR A 288 0.07 0.47 -2.93
N HIS A 289 0.39 1.74 -2.63
CA HIS A 289 1.78 2.14 -2.43
C HIS A 289 2.44 1.44 -1.24
N LEU A 290 1.70 1.28 -0.14
CA LEU A 290 2.28 0.68 1.05
C LEU A 290 2.58 -0.80 0.89
N LEU A 291 1.88 -1.48 -0.04
CA LEU A 291 2.13 -2.87 -0.35
C LEU A 291 3.21 -3.08 -1.43
N MET A 292 3.53 -2.06 -2.22
CA MET A 292 4.44 -2.25 -3.35
C MET A 292 5.85 -2.67 -2.98
N PRO A 293 6.42 -2.31 -1.82
CA PRO A 293 7.76 -2.83 -1.49
C PRO A 293 7.78 -4.29 -1.10
N LEU A 294 6.64 -4.97 -1.00
CA LEU A 294 6.68 -6.39 -0.73
C LEU A 294 6.94 -7.17 -2.02
N ALA A 295 7.61 -8.32 -1.89
CA ALA A 295 7.76 -9.27 -3.00
C ALA A 295 8.38 -8.59 -4.23
N ALA A 296 9.31 -7.67 -3.97
CA ALA A 296 9.99 -6.93 -5.04
C ALA A 296 9.00 -6.27 -5.99
N GLY A 297 7.84 -5.84 -5.48
CA GLY A 297 6.87 -5.14 -6.28
C GLY A 297 5.91 -6.01 -7.05
N LYS A 298 5.98 -7.33 -6.90
CA LYS A 298 5.19 -8.24 -7.72
C LYS A 298 3.78 -8.28 -7.16
N MET A 299 2.90 -7.48 -7.75
CA MET A 299 1.59 -7.19 -7.22
C MET A 299 0.56 -7.34 -8.32
N CYS A 300 -0.41 -8.24 -8.12
CA CYS A 300 -1.50 -8.46 -9.06
C CYS A 300 -2.78 -7.96 -8.43
N VAL A 301 -3.30 -6.87 -8.96
CA VAL A 301 -4.55 -6.28 -8.48
C VAL A 301 -5.69 -6.85 -9.31
N VAL A 302 -6.71 -7.38 -8.66
CA VAL A 302 -7.85 -7.98 -9.34
C VAL A 302 -9.13 -7.31 -8.85
N LEU A 303 -9.92 -6.80 -9.78
CA LEU A 303 -11.15 -6.09 -9.42
C LEU A 303 -12.21 -7.03 -8.83
N GLU A 304 -12.90 -6.56 -7.78
CA GLU A 304 -14.00 -7.30 -7.18
C GLU A 304 -15.26 -6.46 -7.25
N GLY A 305 -15.63 -5.74 -6.18
CA GLY A 305 -16.83 -4.92 -6.17
C GLY A 305 -16.57 -3.44 -6.47
N GLY A 306 -17.67 -2.67 -6.40
CA GLY A 306 -17.68 -1.24 -6.66
C GLY A 306 -18.93 -0.86 -7.44
N TYR A 307 -19.85 -0.10 -6.82
CA TYR A 307 -21.17 0.09 -7.39
C TYR A 307 -21.60 1.52 -7.59
N ASN A 308 -20.85 2.49 -7.07
CA ASN A 308 -21.05 3.88 -7.42
C ASN A 308 -20.11 4.17 -8.58
N LEU A 309 -20.67 4.36 -9.77
CA LEU A 309 -19.84 4.43 -10.97
C LEU A 309 -18.80 5.55 -10.88
N THR A 310 -19.15 6.66 -10.24
CA THR A 310 -18.19 7.75 -10.06
C THR A 310 -17.07 7.37 -9.09
N SER A 311 -17.45 6.97 -7.87
CA SER A 311 -16.46 6.46 -6.93
C SER A 311 -15.60 5.37 -7.57
N LEU A 312 -16.22 4.50 -8.37
CA LEU A 312 -15.50 3.37 -8.95
C LEU A 312 -14.38 3.85 -9.86
N GLY A 313 -14.70 4.75 -10.80
CA GLY A 313 -13.69 5.25 -11.72
C GLY A 313 -12.50 5.86 -11.02
N GLN A 314 -12.75 6.65 -9.97
CA GLN A 314 -11.65 7.38 -9.38
C GLN A 314 -10.76 6.49 -8.54
N SER A 315 -11.31 5.43 -7.93
CA SER A 315 -10.45 4.55 -7.14
C SER A 315 -9.62 3.62 -8.03
N VAL A 316 -10.14 3.25 -9.21
CA VAL A 316 -9.34 2.48 -10.16
C VAL A 316 -8.17 3.29 -10.68
N CYS A 317 -8.40 4.56 -11.06
CA CYS A 317 -7.28 5.41 -11.49
C CYS A 317 -6.25 5.60 -10.38
N GLN A 318 -6.71 5.83 -9.15
CA GLN A 318 -5.75 6.02 -8.07
C GLN A 318 -4.89 4.79 -7.89
N THR A 319 -5.45 3.61 -8.13
CA THR A 319 -4.70 2.37 -7.99
C THR A 319 -3.69 2.21 -9.13
N VAL A 320 -4.14 2.35 -10.38
CA VAL A 320 -3.22 2.21 -11.51
C VAL A 320 -2.13 3.28 -11.46
N HIS A 321 -2.48 4.52 -11.11
CA HIS A 321 -1.48 5.57 -10.93
C HIS A 321 -0.34 5.06 -10.07
N SER A 322 -0.67 4.44 -8.92
CA SER A 322 0.37 4.00 -8.00
C SER A 322 1.11 2.78 -8.51
N LEU A 323 0.41 1.86 -9.19
CA LEU A 323 1.11 0.78 -9.88
C LEU A 323 2.13 1.31 -10.89
N LEU A 324 1.76 2.33 -11.67
CA LEU A 324 2.69 2.97 -12.60
C LEU A 324 3.77 3.80 -11.93
N GLY A 325 3.70 4.01 -10.61
CA GLY A 325 4.70 4.78 -9.90
C GLY A 325 4.47 6.28 -9.83
N ASP A 326 3.30 6.77 -10.23
CA ASP A 326 3.05 8.21 -10.17
C ASP A 326 3.06 8.68 -8.72
N PRO A 327 3.37 9.95 -8.47
CA PRO A 327 3.46 10.42 -7.08
C PRO A 327 2.11 10.34 -6.39
N THR A 328 2.13 9.93 -5.12
CA THR A 328 0.93 9.70 -4.33
C THR A 328 0.32 11.03 -3.87
N PRO A 329 -1.00 11.15 -3.85
CA PRO A 329 -1.61 12.41 -3.40
C PRO A 329 -1.56 12.54 -1.89
N ARG A 330 -1.49 13.80 -1.43
CA ARG A 330 -1.44 14.08 0.01
C ARG A 330 -2.79 13.79 0.66
N ILE A 331 -2.77 13.05 1.77
CA ILE A 331 -4.00 12.80 2.53
C ILE A 331 -4.02 13.74 3.72
N SER A 332 -4.99 14.64 3.75
CA SER A 332 -5.15 15.54 4.89
C SER A 332 -6.27 15.07 5.81
N GLY A 333 -6.26 15.60 7.03
CA GLY A 333 -7.30 15.32 8.01
C GLY A 333 -7.16 14.02 8.79
N LEU A 334 -5.99 13.37 8.73
CA LEU A 334 -5.83 12.10 9.41
C LEU A 334 -5.70 12.30 10.92
N GLY A 335 -6.28 11.38 11.67
CA GLY A 335 -6.19 11.39 13.12
C GLY A 335 -6.44 10.00 13.66
N THR A 336 -6.97 9.92 14.88
CA THR A 336 -7.28 8.62 15.47
C THR A 336 -8.34 7.90 14.64
N ALA A 337 -8.22 6.58 14.59
CA ALA A 337 -9.35 5.78 14.15
C ALA A 337 -10.49 5.93 15.14
N CYS A 338 -11.71 5.70 14.68
CA CYS A 338 -12.85 5.80 15.57
C CYS A 338 -12.84 4.61 16.56
N ASP A 339 -13.69 4.74 17.58
CA ASP A 339 -13.62 3.81 18.71
C ASP A 339 -13.95 2.38 18.29
N SER A 340 -15.00 2.22 17.46
CA SER A 340 -15.34 0.88 16.99
C SER A 340 -14.17 0.26 16.19
N ALA A 341 -13.49 1.07 15.37
CA ALA A 341 -12.33 0.57 14.63
C ALA A 341 -11.21 0.18 15.58
N LEU A 342 -10.96 0.98 16.61
CA LEU A 342 -9.89 0.62 17.54
C LEU A 342 -10.22 -0.65 18.31
N GLU A 343 -11.50 -0.87 18.63
CA GLU A 343 -11.92 -2.13 19.22
C GLU A 343 -11.58 -3.30 18.30
N SER A 344 -12.03 -3.22 17.04
CA SER A 344 -11.75 -4.27 16.07
C SER A 344 -10.25 -4.48 15.95
N ILE A 345 -9.50 -3.37 15.88
CA ILE A 345 -8.06 -3.45 15.69
C ILE A 345 -7.39 -4.11 16.88
N GLN A 346 -7.76 -3.73 18.10
CA GLN A 346 -7.10 -4.33 19.26
C GLN A 346 -7.53 -5.78 19.45
N ASN A 347 -8.77 -6.12 19.08
CA ASN A 347 -9.19 -7.51 19.22
C ASN A 347 -8.45 -8.41 18.24
N VAL A 348 -8.29 -7.96 16.99
CA VAL A 348 -7.51 -8.75 16.03
C VAL A 348 -6.07 -8.89 16.51
N ARG A 349 -5.47 -7.79 16.97
CA ARG A 349 -4.08 -7.84 17.43
C ARG A 349 -3.94 -8.80 18.62
N ASN A 350 -4.87 -8.75 19.57
CA ASN A 350 -4.78 -9.64 20.72
C ASN A 350 -4.92 -11.11 20.28
N VAL A 351 -5.92 -11.42 19.45
CA VAL A 351 -6.11 -12.83 19.09
C VAL A 351 -4.97 -13.33 18.18
N GLN A 352 -4.38 -12.44 17.36
CA GLN A 352 -3.26 -12.80 16.50
C GLN A 352 -1.93 -12.82 17.23
N SER A 353 -1.89 -12.36 18.48
CA SER A 353 -0.64 -12.27 19.21
C SER A 353 -0.01 -13.64 19.43
N SER A 354 -0.79 -14.71 19.34
CA SER A 354 -0.24 -16.06 19.48
C SER A 354 0.67 -16.43 18.32
N TYR A 355 0.56 -15.73 17.18
CA TYR A 355 1.14 -16.18 15.93
C TYR A 355 2.16 -15.23 15.33
N TRP A 356 2.15 -13.95 15.66
CA TRP A 356 2.97 -12.97 14.96
C TRP A 356 3.82 -12.19 15.95
N SER A 357 5.10 -11.97 15.57
CA SER A 357 6.07 -11.27 16.41
C SER A 357 5.58 -9.90 16.85
N SER A 358 5.33 -9.01 15.90
CA SER A 358 4.91 -7.63 16.14
C SER A 358 3.82 -7.47 17.20
N PHE A 359 3.00 -8.50 17.40
CA PHE A 359 1.95 -8.47 18.40
C PHE A 359 2.33 -9.21 19.68
N LYS A 360 3.45 -9.95 19.66
CA LYS A 360 3.78 -10.90 20.74
C LYS A 360 3.87 -10.23 22.10
N HIS A 361 4.32 -8.97 22.16
CA HIS A 361 4.40 -8.23 23.41
C HIS A 361 3.03 -8.03 24.06
N LEU A 362 1.94 -8.11 23.29
CA LEU A 362 0.62 -7.99 23.87
C LEU A 362 0.23 -9.21 24.71
N ALA A 363 0.88 -10.37 24.51
CA ALA A 363 0.47 -11.60 25.18
C ALA A 363 1.08 -11.82 26.56
N GLN A 364 2.24 -11.24 26.86
CA GLN A 364 2.98 -11.64 28.06
C GLN A 364 2.61 -10.85 29.31
N SER A 365 2.21 -9.58 29.17
CA SER A 365 1.85 -8.63 30.22
C SER A 365 3.05 -8.16 31.03
N GLU A 366 4.22 -8.78 30.87
CA GLU A 366 5.48 -8.12 31.20
C GLU A 366 5.89 -7.09 30.16
N THR A 367 5.11 -6.95 29.09
CA THR A 367 5.40 -6.01 27.99
C THR A 367 4.13 -5.33 27.47
N ASP A 399 -27.72 11.83 -2.36
CA ASP A 399 -26.55 11.59 -3.19
C ASP A 399 -25.28 12.11 -2.52
N ILE A 400 -24.35 11.20 -2.20
CA ILE A 400 -23.11 11.55 -1.52
C ILE A 400 -22.11 12.10 -2.54
N VAL A 401 -21.49 13.24 -2.22
CA VAL A 401 -20.57 13.92 -3.13
C VAL A 401 -19.31 14.30 -2.36
N TRP A 402 -18.18 14.33 -3.07
CA TRP A 402 -16.87 14.60 -2.50
C TRP A 402 -16.02 15.28 -3.57
N PRO A 403 -14.91 15.91 -3.18
CA PRO A 403 -14.10 16.63 -4.18
C PRO A 403 -13.40 15.66 -5.14
N GLU A 404 -13.44 16.01 -6.42
CA GLU A 404 -12.74 15.22 -7.44
C GLU A 404 -11.25 15.20 -7.13
N PRO A 405 -10.61 14.02 -7.16
CA PRO A 405 -9.16 13.96 -6.89
C PRO A 405 -8.35 14.78 -7.89
N LEU A 406 -7.26 15.36 -7.41
CA LEU A 406 -6.35 16.15 -8.24
C LEU A 406 -5.66 15.27 -9.28
N LYS A 407 -5.13 15.91 -10.32
CA LYS A 407 -4.41 15.19 -11.36
C LYS A 407 -3.10 14.64 -10.80
N ARG A 408 -2.79 13.39 -11.12
CA ARG A 408 -1.50 12.81 -10.78
C ARG A 408 -0.69 12.64 -12.05
N MET A 409 0.60 12.98 -11.98
CA MET A 409 1.38 13.15 -13.19
C MET A 409 2.83 12.80 -12.90
N PRO A 410 3.42 11.85 -13.64
CA PRO A 410 4.83 11.52 -13.40
C PRO A 410 5.73 12.70 -13.72
N ALA A 411 6.69 12.96 -12.83
CA ALA A 411 7.65 14.04 -13.05
C ALA A 411 8.52 13.73 -14.27
N SER A 412 8.91 14.79 -14.98
CA SER A 412 9.68 14.65 -16.22
C SER A 412 10.97 13.88 -15.97
N VAL A 413 11.73 14.28 -14.97
CA VAL A 413 12.82 13.49 -14.42
C VAL A 413 12.49 13.26 -12.95
N ARG A 414 12.33 12.00 -12.56
CA ARG A 414 11.88 11.70 -11.21
C ARG A 414 12.92 12.09 -10.16
N THR A 415 14.19 11.76 -10.40
CA THR A 415 15.22 11.88 -9.36
C THR A 415 16.48 12.55 -9.92
N VAL A 416 16.93 13.62 -9.26
CA VAL A 416 18.21 14.23 -9.57
C VAL A 416 19.22 13.80 -8.50
N VAL A 417 20.47 13.62 -8.90
CA VAL A 417 21.50 13.12 -8.00
C VAL A 417 22.77 13.95 -8.15
N VAL A 418 23.40 14.25 -7.02
CA VAL A 418 24.61 15.07 -6.99
C VAL A 418 25.67 14.29 -6.25
N PRO A 419 26.38 13.38 -6.90
CA PRO A 419 27.49 12.67 -6.25
C PRO A 419 28.64 13.63 -6.02
N PRO A 420 29.65 13.25 -5.24
CA PRO A 420 30.79 14.15 -5.01
C PRO A 420 31.42 14.57 -6.32
N PRO A 421 32.10 15.71 -6.35
CA PRO A 421 32.67 16.22 -7.61
C PRO A 421 33.57 15.18 -8.26
N GLY A 422 33.27 14.85 -9.52
CA GLY A 422 34.05 13.88 -10.25
C GLY A 422 33.73 12.44 -9.91
N VAL A 423 32.45 12.08 -9.94
CA VAL A 423 32.02 10.69 -9.83
C VAL A 423 30.90 10.45 -10.82
N GLU A 424 31.25 10.12 -12.07
CA GLU A 424 30.25 9.67 -13.01
C GLU A 424 29.70 8.33 -12.55
N LEU A 425 28.37 8.17 -12.60
CA LEU A 425 27.76 6.96 -12.08
C LEU A 425 26.68 6.47 -13.03
N THR A 426 26.41 5.17 -12.94
CA THR A 426 25.39 4.52 -13.77
C THR A 426 24.04 4.89 -13.20
N LEU A 427 23.33 5.80 -13.87
CA LEU A 427 22.05 6.27 -13.34
C LEU A 427 20.91 5.47 -13.93
N PRO A 428 19.95 5.04 -13.10
CA PRO A 428 18.72 4.43 -13.63
C PRO A 428 18.01 5.29 -14.66
N LYS A 429 16.96 4.73 -15.27
CA LYS A 429 16.42 5.30 -16.52
C LYS A 429 15.92 6.73 -16.34
N ASN A 430 15.45 7.08 -15.14
CA ASN A 430 14.82 8.39 -14.90
C ASN A 430 15.58 9.20 -13.86
N CYS A 431 16.85 9.51 -14.13
CA CYS A 431 17.68 10.24 -13.19
C CYS A 431 18.60 11.17 -13.97
N GLN A 432 19.15 12.16 -13.26
CA GLN A 432 20.08 13.12 -13.83
C GLN A 432 21.03 13.61 -12.75
N HIS A 433 22.10 14.28 -13.18
CA HIS A 433 23.08 14.88 -12.29
C HIS A 433 22.66 16.34 -11.97
N SER A 434 23.55 17.07 -11.29
CA SER A 434 23.34 18.49 -10.92
C SER A 434 22.62 19.30 -11.99
N ILE A 437 23.95 24.70 -11.64
CA ILE A 437 23.92 25.81 -10.68
C ILE A 437 23.79 27.13 -11.41
N SER A 438 22.69 27.83 -11.22
CA SER A 438 22.44 29.05 -11.99
C SER A 438 23.02 30.26 -11.28
N GLU A 439 22.93 31.43 -11.94
CA GLU A 439 23.40 32.67 -11.33
C GLU A 439 22.51 33.10 -10.17
N SER A 440 21.18 33.07 -10.39
CA SER A 440 20.21 33.26 -9.32
C SER A 440 20.60 32.46 -8.08
N THR A 441 20.80 31.16 -8.26
CA THR A 441 21.14 30.28 -7.15
C THR A 441 22.43 30.72 -6.47
N ALA A 442 23.48 30.96 -7.27
CA ALA A 442 24.79 31.28 -6.73
C ALA A 442 24.79 32.63 -6.03
N LYS A 443 23.96 33.57 -6.50
CA LYS A 443 23.69 34.79 -5.74
C LYS A 443 23.14 34.48 -4.35
N GLU A 444 22.18 33.55 -4.28
CA GLU A 444 21.54 33.23 -3.01
C GLU A 444 22.51 32.58 -2.03
N VAL A 445 23.39 31.70 -2.51
CA VAL A 445 24.34 31.05 -1.61
C VAL A 445 25.26 32.09 -0.98
N GLN A 446 25.60 33.13 -1.73
CA GLN A 446 26.44 34.20 -1.18
C GLN A 446 25.69 34.96 -0.09
N ARG A 447 24.46 35.38 -0.37
CA ARG A 447 23.63 36.05 0.63
C ARG A 447 23.59 35.26 1.93
N ILE A 448 23.30 33.96 1.81
CA ILE A 448 23.27 33.07 2.95
C ILE A 448 24.66 32.95 3.58
N ARG A 449 25.70 32.86 2.75
CA ARG A 449 27.06 32.79 3.26
C ARG A 449 27.38 33.99 4.14
N ASP A 450 27.04 35.18 3.65
CA ASP A 450 27.46 36.42 4.29
C ASP A 450 26.68 36.67 5.58
N LYS A 451 25.38 36.35 5.59
CA LYS A 451 24.54 36.62 6.75
C LYS A 451 24.78 35.60 7.88
N HIS A 452 24.80 34.31 7.55
CA HIS A 452 24.78 33.26 8.56
C HIS A 452 26.09 32.51 8.72
N PHE A 453 27.03 32.68 7.80
CA PHE A 453 28.32 32.01 7.93
C PHE A 453 29.43 32.95 7.51
N LEU A 456 33.32 33.41 8.78
CA LEU A 456 32.61 32.90 7.62
C LEU A 456 33.30 31.65 7.04
N THR A 457 32.70 31.09 5.99
CA THR A 457 33.17 29.87 5.37
C THR A 457 33.62 30.12 3.94
N ASP A 458 34.63 29.37 3.52
CA ASP A 458 35.14 29.37 2.15
C ASP A 458 35.63 27.96 1.86
N GLN A 459 34.90 27.21 1.03
CA GLN A 459 35.12 25.76 0.92
C GLN A 459 34.50 25.22 -0.37
N ASN A 460 34.41 23.88 -0.44
CA ASN A 460 33.59 23.18 -1.41
C ASN A 460 32.16 22.98 -0.93
N ILE A 461 31.89 23.27 0.35
CA ILE A 461 30.52 23.30 0.83
C ILE A 461 29.69 24.26 0.00
N LEU A 462 30.29 25.39 -0.38
CA LEU A 462 29.61 26.35 -1.23
C LEU A 462 29.00 25.68 -2.46
N ARG A 463 29.62 24.60 -2.94
CA ARG A 463 29.02 23.81 -4.01
C ARG A 463 27.84 22.98 -3.48
N SER A 464 28.04 22.32 -2.33
CA SER A 464 26.97 21.54 -1.70
C SER A 464 25.69 22.38 -1.56
N LEU A 465 25.83 23.60 -1.03
CA LEU A 465 24.65 24.44 -0.78
C LEU A 465 24.04 24.97 -2.08
N GLY A 466 24.84 25.24 -3.09
CA GLY A 466 24.25 25.61 -4.37
C GLY A 466 23.49 24.45 -4.97
N ASN A 467 23.94 23.22 -4.73
CA ASN A 467 23.26 22.03 -5.23
C ASN A 467 21.94 21.81 -4.52
N ILE A 468 21.97 21.86 -3.18
CA ILE A 468 20.76 21.72 -2.37
C ILE A 468 19.67 22.68 -2.86
N ILE A 469 20.04 23.94 -3.07
CA ILE A 469 19.05 24.94 -3.44
C ILE A 469 18.49 24.67 -4.84
N SER A 470 19.38 24.45 -5.82
CA SER A 470 18.91 24.23 -7.18
C SER A 470 18.10 22.94 -7.30
N VAL A 471 18.47 21.91 -6.53
CA VAL A 471 17.67 20.69 -6.50
C VAL A 471 16.31 20.96 -5.85
N LEU A 472 16.30 21.61 -4.69
CA LEU A 472 15.06 21.93 -3.99
C LEU A 472 14.13 22.77 -4.85
N ASP A 473 14.69 23.76 -5.57
CA ASP A 473 13.85 24.61 -6.41
C ASP A 473 13.23 23.83 -7.55
N ARG A 474 13.96 22.86 -8.12
CA ARG A 474 13.35 22.03 -9.15
C ARG A 474 12.26 21.14 -8.56
N MET A 475 12.47 20.65 -7.34
CA MET A 475 11.47 19.81 -6.69
C MET A 475 10.19 20.58 -6.39
N MET A 476 10.32 21.72 -5.72
CA MET A 476 9.15 22.47 -5.26
C MET A 476 8.50 23.26 -6.38
N ARG A 477 9.28 23.96 -7.20
CA ARG A 477 8.71 24.86 -8.20
C ARG A 477 8.08 24.09 -9.35
N SER A 478 8.87 23.23 -9.99
CA SER A 478 8.40 22.50 -11.17
C SER A 478 7.81 21.15 -10.80
N ASP A 479 6.75 20.76 -11.50
CA ASP A 479 6.38 19.35 -11.58
C ASP A 479 7.31 18.58 -12.52
N GLU A 480 8.45 19.19 -12.87
CA GLU A 480 9.44 18.60 -13.76
C GLU A 480 10.35 17.61 -13.05
N VAL A 481 10.65 17.84 -11.78
CA VAL A 481 11.46 16.94 -10.97
C VAL A 481 10.73 16.63 -9.66
N CYS A 482 10.86 15.39 -9.18
CA CYS A 482 10.11 14.97 -8.01
C CYS A 482 10.97 14.95 -6.73
N ASN A 483 12.02 14.15 -6.68
CA ASN A 483 12.86 14.09 -5.49
C ASN A 483 14.33 14.09 -5.93
N GLY A 484 15.23 13.96 -4.95
CA GLY A 484 16.64 14.02 -5.27
C GLY A 484 17.49 13.62 -4.08
N CYS A 485 18.76 13.37 -4.38
CA CYS A 485 19.75 13.05 -3.37
C CYS A 485 21.01 13.87 -3.62
N VAL A 486 21.54 14.50 -2.58
CA VAL A 486 22.78 15.26 -2.65
C VAL A 486 23.75 14.70 -1.63
N VAL A 487 24.98 14.45 -2.06
CA VAL A 487 26.06 14.06 -1.16
C VAL A 487 26.69 15.34 -0.63
N VAL A 488 26.86 15.43 0.68
CA VAL A 488 27.41 16.62 1.32
C VAL A 488 28.55 16.19 2.25
N SER A 489 29.30 17.19 2.70
CA SER A 489 30.42 16.99 3.62
C SER A 489 30.13 17.61 4.97
N ASP A 490 29.84 18.90 5.01
CA ASP A 490 29.51 19.59 6.25
C ASP A 490 28.04 19.41 6.56
N LEU A 491 27.75 18.77 7.69
CA LEU A 491 26.36 18.40 7.99
C LEU A 491 25.54 19.60 8.43
N SER A 492 26.02 20.38 9.40
CA SER A 492 25.14 21.39 10.01
C SER A 492 24.74 22.45 8.99
N VAL A 493 25.69 22.96 8.22
CA VAL A 493 25.38 23.99 7.24
C VAL A 493 24.44 23.44 6.15
N SER A 494 24.72 22.23 5.66
CA SER A 494 23.86 21.61 4.66
C SER A 494 22.43 21.54 5.18
N VAL A 495 22.26 21.04 6.42
CA VAL A 495 20.92 20.82 6.97
C VAL A 495 20.17 22.14 7.07
N GLN A 496 20.84 23.17 7.62
CA GLN A 496 20.23 24.48 7.79
C GLN A 496 19.72 25.03 6.46
N CYS A 497 20.60 25.11 5.45
CA CYS A 497 20.17 25.72 4.18
C CYS A 497 19.04 24.92 3.55
N ALA A 498 19.15 23.60 3.57
CA ALA A 498 18.07 22.76 3.06
C ALA A 498 16.76 23.07 3.77
N LEU A 499 16.77 23.00 5.10
CA LEU A 499 15.55 23.21 5.89
C LEU A 499 15.04 24.63 5.74
N GLN A 500 15.92 25.61 5.89
CA GLN A 500 15.48 27.00 5.81
C GLN A 500 15.01 27.36 4.41
N HIS A 501 15.70 26.87 3.37
CA HIS A 501 15.24 27.21 2.03
C HIS A 501 13.90 26.56 1.75
N ALA A 502 13.61 25.42 2.38
CA ALA A 502 12.36 24.72 2.15
C ALA A 502 11.18 25.46 2.78
N LEU A 503 11.34 25.91 4.03
CA LEU A 503 10.30 26.65 4.73
C LEU A 503 9.96 27.98 4.06
N THR A 504 10.81 28.44 3.13
CA THR A 504 10.65 29.72 2.46
C THR A 504 9.98 29.61 1.10
N GLU A 505 9.99 28.42 0.48
CA GLU A 505 9.46 28.26 -0.87
C GLU A 505 8.02 28.71 -1.09
N PRO A 506 7.06 28.55 -0.14
CA PRO A 506 7.11 27.92 1.19
C PRO A 506 6.61 26.48 1.20
N ALA A 507 7.24 25.64 2.02
CA ALA A 507 6.73 24.31 2.36
C ALA A 507 6.17 24.40 3.78
N GLU A 508 4.83 24.35 3.89
CA GLU A 508 4.21 24.64 5.18
C GLU A 508 4.75 23.74 6.29
N ARG A 509 5.06 22.49 5.96
CA ARG A 509 5.53 21.52 6.94
C ARG A 509 6.62 20.66 6.33
N VAL A 510 7.60 20.30 7.15
CA VAL A 510 8.75 19.53 6.72
C VAL A 510 8.95 18.40 7.71
N LEU A 511 8.93 17.16 7.22
CA LEU A 511 9.32 16.01 8.01
C LEU A 511 10.81 15.76 7.82
N VAL A 512 11.53 15.63 8.92
CA VAL A 512 12.97 15.40 8.90
C VAL A 512 13.23 14.00 9.46
N VAL A 513 13.99 13.20 8.71
CA VAL A 513 14.33 11.84 9.16
C VAL A 513 15.84 11.75 9.19
N TYR A 514 16.41 11.60 10.38
CA TYR A 514 17.84 11.74 10.58
C TYR A 514 18.38 10.48 11.24
N VAL A 515 19.32 9.83 10.58
CA VAL A 515 20.02 8.67 11.12
C VAL A 515 21.39 9.16 11.56
N GLY A 516 21.57 9.34 12.86
CA GLY A 516 22.81 9.88 13.38
C GLY A 516 22.62 10.24 14.83
N ASP A 517 23.72 10.67 15.44
CA ASP A 517 23.73 11.08 16.82
C ASP A 517 23.94 12.59 16.92
N GLY A 518 23.66 13.11 18.10
CA GLY A 518 23.76 14.55 18.30
C GLY A 518 22.45 15.25 18.03
N GLU A 519 22.53 16.58 18.07
CA GLU A 519 21.41 17.44 17.73
C GLU A 519 21.74 18.20 16.46
N LEU A 520 20.71 18.70 15.80
CA LEU A 520 20.87 19.33 14.50
C LEU A 520 20.38 20.78 14.52
N PRO A 521 20.69 21.59 13.51
CA PRO A 521 20.14 22.95 13.44
C PRO A 521 18.66 22.97 13.07
N VAL A 522 17.86 22.16 13.77
CA VAL A 522 16.43 21.99 13.50
C VAL A 522 15.64 22.35 14.75
N LYS A 523 14.72 23.30 14.61
CA LYS A 523 13.85 23.74 15.71
C LYS A 523 12.44 23.20 15.50
N THR A 524 11.96 22.39 16.45
CA THR A 524 10.64 21.78 16.36
C THR A 524 9.68 22.40 17.37
N ASN A 525 9.62 23.73 17.40
CA ASN A 525 8.86 24.47 18.39
C ASN A 525 7.65 25.19 17.81
N ASP A 526 7.56 25.34 16.49
CA ASP A 526 6.48 26.08 15.87
C ASP A 526 5.46 25.19 15.18
N GLY A 527 5.65 23.88 15.22
CA GLY A 527 4.73 22.97 14.56
C GLY A 527 4.86 22.90 13.05
N LYS A 528 5.93 23.41 12.46
CA LYS A 528 6.12 23.25 11.02
C LYS A 528 7.15 22.18 10.70
N VAL A 529 7.82 21.63 11.70
CA VAL A 529 8.81 20.59 11.52
C VAL A 529 8.52 19.45 12.50
N PHE A 530 8.58 18.21 12.01
CA PHE A 530 8.62 17.04 12.87
C PHE A 530 9.92 16.29 12.62
N LEU A 531 10.61 15.93 13.70
CA LEU A 531 11.93 15.30 13.65
C LEU A 531 11.86 13.84 14.07
N VAL A 532 12.20 12.93 13.15
CA VAL A 532 12.47 11.53 13.47
C VAL A 532 13.98 11.35 13.51
N GLN A 533 14.49 10.80 14.61
CA GLN A 533 15.92 10.60 14.76
C GLN A 533 16.19 9.14 15.14
N ILE A 534 16.97 8.46 14.30
CA ILE A 534 17.41 7.10 14.57
C ILE A 534 18.86 7.17 15.03
N CYS A 535 19.11 6.87 16.30
CA CYS A 535 20.42 7.13 16.87
C CYS A 535 20.86 5.98 17.75
N THR A 536 22.11 6.08 18.21
CA THR A 536 22.75 5.02 18.97
C THR A 536 22.65 5.23 20.48
N LYS A 537 22.62 6.47 20.94
CA LYS A 537 22.52 6.78 22.37
C LYS A 537 21.08 7.15 22.72
N GLU A 538 20.57 6.54 23.79
CA GLU A 538 19.18 6.75 24.21
C GLU A 538 19.08 8.08 24.95
N THR A 539 18.36 9.03 24.37
CA THR A 539 18.22 10.39 24.92
C THR A 539 16.74 10.70 25.11
N GLU A 540 16.33 10.88 26.36
CA GLU A 540 14.92 11.14 26.67
C GLU A 540 14.49 12.46 26.06
N ASP A 541 13.55 12.39 25.11
CA ASP A 541 12.98 13.59 24.50
C ASP A 541 11.68 13.97 25.22
N LYS A 542 11.40 15.26 25.21
CA LYS A 542 10.27 15.77 25.99
C LYS A 542 9.02 15.96 25.15
N CYS A 543 9.04 16.94 24.24
CA CYS A 543 7.82 17.38 23.59
C CYS A 543 7.45 16.47 22.42
N VAL A 544 6.26 16.74 21.87
CA VAL A 544 5.56 15.78 21.02
C VAL A 544 5.79 16.06 19.53
N ASN A 545 6.83 16.83 19.19
CA ASN A 545 7.17 17.01 17.78
C ASN A 545 8.50 16.35 17.42
N ARG A 546 8.96 15.43 18.27
CA ARG A 546 10.18 14.67 18.08
C ARG A 546 9.91 13.22 18.43
N LEU A 547 10.43 12.32 17.60
CA LEU A 547 10.38 10.89 17.84
C LEU A 547 11.81 10.37 17.74
N THR A 548 12.41 10.04 18.86
CA THR A 548 13.80 9.59 18.88
C THR A 548 13.83 8.11 19.19
N LEU A 549 14.48 7.35 18.30
CA LEU A 549 14.51 5.90 18.38
C LEU A 549 15.97 5.47 18.52
N CYS A 550 16.28 4.80 19.61
CA CYS A 550 17.62 4.28 19.86
C CYS A 550 17.48 2.77 20.06
N LEU A 551 17.92 1.99 19.08
CA LEU A 551 17.78 0.55 19.14
C LEU A 551 19.13 -0.12 19.41
N ARG A 552 19.08 -1.18 20.20
CA ARG A 552 20.28 -1.91 20.56
C ARG A 552 21.00 -2.44 19.32
N GLU A 553 22.33 -2.51 19.41
CA GLU A 553 23.14 -3.07 18.34
C GLU A 553 22.92 -4.57 18.24
N GLY A 554 23.21 -5.11 17.06
CA GLY A 554 23.17 -6.55 16.85
C GLY A 554 22.30 -6.93 15.69
N GLU A 555 22.15 -8.25 15.52
CA GLU A 555 21.37 -8.80 14.41
C GLU A 555 19.89 -8.49 14.53
N SER A 556 19.42 -8.12 15.72
CA SER A 556 18.00 -7.84 15.94
C SER A 556 17.60 -6.46 15.41
N LEU A 557 18.55 -5.64 14.99
CA LEU A 557 18.26 -4.25 14.69
C LEU A 557 17.39 -4.10 13.44
N THR A 558 17.45 -5.05 12.51
CA THR A 558 16.66 -4.87 11.31
C THR A 558 15.17 -5.04 11.59
N ALA A 559 14.80 -6.05 12.38
CA ALA A 559 13.39 -6.24 12.70
C ALA A 559 12.86 -5.09 13.55
N GLY A 560 13.67 -4.57 14.48
CA GLY A 560 13.23 -3.47 15.32
C GLY A 560 12.96 -2.21 14.52
N PHE A 561 13.79 -1.93 13.53
CA PHE A 561 13.59 -0.74 12.72
C PHE A 561 12.30 -0.84 11.90
N MET A 562 12.02 -2.01 11.31
CA MET A 562 10.79 -2.15 10.54
C MET A 562 9.55 -2.01 11.42
N GLN A 563 9.62 -2.44 12.68
CA GLN A 563 8.45 -2.29 13.55
C GLN A 563 8.20 -0.82 13.86
N ALA A 564 9.25 -0.07 14.23
CA ALA A 564 9.10 1.36 14.45
C ALA A 564 8.66 2.07 13.18
N LEU A 565 9.18 1.66 12.01
CA LEU A 565 8.78 2.32 10.77
C LEU A 565 7.29 2.17 10.53
N LEU A 566 6.78 0.94 10.63
CA LEU A 566 5.38 0.70 10.29
C LEU A 566 4.44 1.19 11.40
N GLY A 567 4.84 1.03 12.66
CA GLY A 567 3.92 1.28 13.75
C GLY A 567 4.07 2.59 14.48
N LEU A 568 5.15 3.35 14.23
CA LEU A 568 5.37 4.66 14.83
C LEU A 568 5.64 5.73 13.76
N ILE A 569 6.68 5.53 12.96
CA ILE A 569 7.10 6.58 12.03
C ILE A 569 6.02 6.85 11.01
N LEU A 570 5.57 5.81 10.31
CA LEU A 570 4.56 6.03 9.29
C LEU A 570 3.27 6.64 9.84
N PRO A 571 2.72 6.22 10.99
CA PRO A 571 1.47 6.85 11.46
C PRO A 571 1.63 8.31 11.81
N VAL A 572 2.74 8.70 12.46
CA VAL A 572 2.95 10.11 12.73
C VAL A 572 3.11 10.88 11.42
N ALA A 573 3.96 10.38 10.53
CA ALA A 573 4.23 11.10 9.28
C ALA A 573 2.95 11.32 8.50
N TYR A 574 2.08 10.31 8.42
CA TYR A 574 0.84 10.48 7.67
C TYR A 574 -0.07 11.52 8.32
N GLU A 575 -0.17 11.52 9.65
CA GLU A 575 -0.97 12.54 10.31
C GLU A 575 -0.35 13.93 10.12
N PHE A 576 0.99 14.02 10.24
CA PHE A 576 1.68 15.29 10.07
C PHE A 576 1.45 15.86 8.67
N ASN A 577 1.45 15.00 7.65
CA ASN A 577 1.18 15.40 6.28
C ASN A 577 2.14 16.50 5.83
N PRO A 578 3.45 16.24 5.76
CA PRO A 578 4.40 17.29 5.38
C PRO A 578 4.29 17.61 3.89
N ALA A 579 4.89 18.75 3.53
CA ALA A 579 5.02 19.13 2.13
C ALA A 579 6.36 18.73 1.55
N LEU A 580 7.32 18.38 2.40
CA LEU A 580 8.64 17.93 1.97
C LEU A 580 9.21 17.01 3.05
N VAL A 581 9.90 15.97 2.62
CA VAL A 581 10.65 15.10 3.53
C VAL A 581 12.12 15.37 3.31
N LEU A 582 12.86 15.57 4.40
CA LEU A 582 14.29 15.78 4.33
C LEU A 582 14.95 14.63 5.07
N GLY A 583 15.68 13.78 4.35
CA GLY A 583 16.40 12.67 4.93
C GLY A 583 17.86 13.01 5.10
N ILE A 584 18.45 12.56 6.21
CA ILE A 584 19.82 12.91 6.58
C ILE A 584 20.47 11.70 7.20
N VAL A 585 21.65 11.34 6.69
CA VAL A 585 22.39 10.17 7.19
C VAL A 585 23.80 10.59 7.53
N GLU A 586 24.20 10.39 8.79
CA GLU A 586 25.54 10.62 9.26
C GLU A 586 26.52 9.65 8.59
N GLU A 587 27.77 10.09 8.42
CA GLU A 587 28.77 9.22 7.81
C GLU A 587 29.03 7.98 8.66
N THR A 588 28.98 8.12 9.98
CA THR A 588 29.18 7.00 10.90
C THR A 588 28.37 5.78 10.48
N ALA A 589 27.08 5.78 10.79
CA ALA A 589 26.19 4.69 10.39
C ALA A 589 25.53 5.00 9.05
N ARG A 593 26.43 1.56 7.60
CA ARG A 593 26.91 0.35 8.26
C ARG A 593 25.83 -0.74 8.33
N LEU A 594 24.77 -0.49 9.11
CA LEU A 594 23.74 -1.50 9.34
C LEU A 594 22.40 -1.12 8.72
N MET A 595 22.42 -0.73 7.44
CA MET A 595 21.25 -0.12 6.83
C MET A 595 20.76 -0.92 5.63
N ARG A 596 20.40 -2.19 5.87
CA ARG A 596 19.62 -3.03 4.97
C ARG A 596 18.17 -2.61 4.93
N VAL A 597 17.82 -1.50 5.59
CA VAL A 597 16.44 -1.04 5.68
C VAL A 597 16.21 0.26 4.94
N TRP A 598 17.27 0.97 4.54
CA TRP A 598 17.10 2.33 4.06
C TRP A 598 16.20 2.39 2.84
N GLY A 599 16.25 1.36 2.00
CA GLY A 599 15.49 1.38 0.77
C GLY A 599 14.00 1.23 1.03
N HIS A 600 13.65 0.43 2.03
CA HIS A 600 12.25 0.26 2.41
C HIS A 600 11.67 1.55 2.94
N MET A 601 12.41 2.23 3.82
CA MET A 601 11.88 3.49 4.32
C MET A 601 11.79 4.54 3.21
N THR A 602 12.83 4.66 2.39
CA THR A 602 12.78 5.62 1.31
C THR A 602 11.55 5.41 0.45
N CYS A 603 11.21 4.15 0.19
CA CYS A 603 10.05 3.85 -0.65
C CYS A 603 8.73 4.15 0.07
N LEU A 604 8.57 3.64 1.29
CA LEU A 604 7.36 3.91 2.07
C LEU A 604 7.20 5.41 2.34
N ILE A 605 8.29 6.10 2.68
CA ILE A 605 8.21 7.52 3.05
C ILE A 605 7.80 8.40 1.87
N GLN A 606 7.87 7.91 0.63
CA GLN A 606 7.39 8.68 -0.50
C GLN A 606 5.87 8.69 -0.63
N GLY A 607 5.15 7.98 0.24
CA GLY A 607 3.72 8.22 0.35
C GLY A 607 3.37 9.60 0.89
N LEU A 608 4.31 10.26 1.56
CA LEU A 608 4.11 11.63 2.03
C LEU A 608 4.61 12.66 1.02
N ALA A 609 4.00 13.85 1.08
CA ALA A 609 4.51 15.03 0.37
C ALA A 609 4.61 14.80 -1.14
N ARG A 610 3.67 14.04 -1.70
CA ARG A 610 3.66 13.72 -3.13
C ARG A 610 5.00 13.17 -3.60
N GLY A 611 5.74 12.52 -2.70
CA GLY A 611 6.99 11.92 -3.04
C GLY A 611 8.17 12.86 -3.02
N ARG A 612 7.98 14.10 -2.57
CA ARG A 612 9.02 15.12 -2.63
C ARG A 612 9.97 14.94 -1.46
N MET A 613 11.03 14.16 -1.67
CA MET A 613 12.01 13.89 -0.63
C MET A 613 13.42 14.27 -1.10
N LEU A 614 14.12 15.06 -0.29
CA LEU A 614 15.52 15.38 -0.51
C LEU A 614 16.35 14.68 0.55
N THR A 615 17.28 13.84 0.12
CA THR A 615 18.14 13.08 1.01
C THR A 615 19.55 13.65 0.98
N LEU A 616 20.10 13.94 2.16
CA LEU A 616 21.47 14.39 2.31
C LEU A 616 22.32 13.24 2.84
N LEU A 617 23.27 12.77 2.03
CA LEU A 617 24.22 11.75 2.44
C LEU A 617 25.53 12.42 2.81
N GLN A 618 25.95 12.25 4.06
CA GLN A 618 27.20 12.82 4.55
C GLN A 618 28.32 11.83 4.29
N GLY A 619 29.24 12.21 3.39
CA GLY A 619 30.27 11.29 2.94
C GLY A 619 29.82 10.50 1.73
N TYR A 620 30.80 9.92 1.04
CA TYR A 620 30.50 9.08 -0.11
C TYR A 620 30.42 7.62 0.31
N ASP A 621 29.44 6.92 -0.25
CA ASP A 621 29.35 5.46 -0.10
C ASP A 621 28.54 4.98 -1.30
N LYS A 622 29.24 4.44 -2.31
CA LYS A 622 28.57 4.06 -3.55
C LYS A 622 27.38 3.14 -3.28
N ASP A 623 27.48 2.26 -2.29
CA ASP A 623 26.36 1.39 -1.96
C ASP A 623 25.15 2.19 -1.50
N LEU A 624 25.32 2.98 -0.44
CA LEU A 624 24.21 3.74 0.11
C LEU A 624 23.65 4.73 -0.92
N LEU A 625 24.52 5.31 -1.74
CA LEU A 625 24.05 6.28 -2.72
C LEU A 625 23.28 5.60 -3.85
N GLU A 626 23.71 4.41 -4.27
CA GLU A 626 22.99 3.73 -5.34
C GLU A 626 21.67 3.17 -4.85
N LEU A 627 21.63 2.74 -3.58
CA LEU A 627 20.40 2.24 -2.97
C LEU A 627 19.38 3.35 -2.79
N THR A 628 19.82 4.49 -2.24
CA THR A 628 18.94 5.65 -2.07
C THR A 628 18.38 6.11 -3.40
N VAL A 629 19.24 6.24 -4.42
CA VAL A 629 18.77 6.72 -5.71
C VAL A 629 17.82 5.72 -6.34
N SER A 630 18.06 4.43 -6.13
CA SER A 630 17.19 3.43 -6.73
C SER A 630 15.79 3.48 -6.13
N ALA A 631 15.70 3.51 -4.81
CA ALA A 631 14.39 3.66 -4.15
C ALA A 631 13.74 4.99 -4.50
N LEU A 632 14.52 6.07 -4.52
CA LEU A 632 13.95 7.37 -4.89
C LEU A 632 13.37 7.34 -6.30
N SER A 633 14.04 6.62 -7.21
CA SER A 633 13.65 6.62 -8.61
C SER A 633 12.44 5.76 -8.89
N GLY A 634 11.97 5.01 -7.90
CA GLY A 634 10.83 4.14 -8.09
C GLY A 634 11.15 2.72 -8.45
N ALA A 635 12.42 2.32 -8.35
CA ALA A 635 12.79 0.96 -8.70
C ALA A 635 12.22 -0.03 -7.68
N SER A 636 12.39 -1.32 -8.00
CA SER A 636 12.04 -2.38 -7.07
C SER A 636 13.01 -2.40 -5.89
N ILE A 637 12.47 -2.73 -4.72
CA ILE A 637 13.26 -2.86 -3.51
C ILE A 637 13.41 -4.34 -3.21
N SER A 638 14.61 -4.76 -2.85
CA SER A 638 14.82 -6.19 -2.63
C SER A 638 14.25 -6.60 -1.27
N PRO A 639 13.62 -7.77 -1.19
CA PRO A 639 12.94 -8.17 0.05
C PRO A 639 13.89 -8.25 1.22
N LEU A 640 13.32 -8.21 2.42
CA LEU A 640 14.13 -8.32 3.62
C LEU A 640 14.34 -9.77 4.04
N GLY A 641 13.40 -10.65 3.69
CA GLY A 641 13.50 -12.04 4.04
C GLY A 641 13.33 -12.27 5.52
N PRO A 642 13.96 -13.32 6.04
CA PRO A 642 13.84 -13.66 7.46
C PRO A 642 14.64 -12.70 8.32
N LEU A 643 13.98 -12.16 9.34
CA LEU A 643 14.63 -11.27 10.30
C LEU A 643 14.49 -11.85 11.70
N ARG A 644 15.59 -11.82 12.46
CA ARG A 644 15.56 -12.16 13.87
C ARG A 644 14.63 -11.21 14.62
N ALA A 645 13.55 -11.75 15.21
CA ALA A 645 12.52 -11.03 15.95
C ALA A 645 13.12 -10.05 16.95
N PRO A 646 12.48 -8.92 17.23
CA PRO A 646 13.18 -7.80 17.87
C PRO A 646 13.36 -7.98 19.38
N LYS A 647 14.32 -7.23 19.91
CA LYS A 647 14.63 -7.28 21.33
C LYS A 647 13.44 -6.78 22.15
N PRO A 648 13.12 -7.44 23.26
CA PRO A 648 12.11 -6.87 24.17
C PRO A 648 12.43 -5.47 24.63
N GLU A 649 13.71 -5.16 24.87
CA GLU A 649 14.10 -3.80 25.20
C GLU A 649 13.75 -2.84 24.07
N ASP A 650 13.81 -3.31 22.83
CA ASP A 650 13.44 -2.48 21.69
C ASP A 650 11.93 -2.29 21.62
N VAL A 651 11.16 -3.38 21.76
CA VAL A 651 9.71 -3.21 21.67
C VAL A 651 9.21 -2.37 22.84
N GLU A 652 9.82 -2.51 24.02
CA GLU A 652 9.41 -1.70 25.16
C GLU A 652 9.66 -0.22 24.92
N MET A 653 10.82 0.13 24.36
CA MET A 653 11.13 1.53 24.07
C MET A 653 10.13 2.11 23.07
N MET A 654 9.73 1.31 22.08
CA MET A 654 8.78 1.80 21.08
C MET A 654 7.40 2.02 21.68
N GLU A 655 6.91 1.08 22.51
CA GLU A 655 5.63 1.30 23.18
C GLU A 655 5.67 2.47 24.16
N LYS A 656 6.83 2.74 24.78
CA LYS A 656 6.97 3.96 25.56
C LYS A 656 6.80 5.20 24.67
N GLN A 657 7.31 5.14 23.44
CA GLN A 657 7.12 6.28 22.53
C GLN A 657 5.66 6.42 22.12
N ARG A 658 4.98 5.30 21.84
CA ARG A 658 3.58 5.38 21.45
C ARG A 658 2.72 5.93 22.59
N GLN A 659 2.93 5.44 23.81
CA GLN A 659 2.23 6.00 24.96
C GLN A 659 2.44 7.50 25.06
N ARG A 660 3.65 7.96 24.74
CA ARG A 660 4.01 9.37 24.93
C ARG A 660 3.47 10.27 23.82
N LEU A 661 3.28 9.73 22.61
CA LEU A 661 2.92 10.53 21.46
C LEU A 661 1.48 10.36 20.98
N GLN A 662 0.78 9.31 21.41
CA GLN A 662 -0.49 8.98 20.78
C GLN A 662 -1.63 9.91 21.16
N GLU A 663 -1.50 10.68 22.25
CA GLU A 663 -2.57 11.64 22.53
C GLU A 663 -2.51 12.84 21.59
N ARG A 664 -1.31 13.23 21.16
CA ARG A 664 -1.16 14.24 20.12
C ARG A 664 -1.40 13.66 18.73
N TRP A 665 -0.86 12.46 18.47
CA TRP A 665 -0.93 11.84 17.14
C TRP A 665 -1.81 10.59 17.22
N GLY A 666 -3.12 10.78 17.05
CA GLY A 666 -4.07 9.69 17.31
C GLY A 666 -3.92 8.50 16.39
N LEU A 667 -3.47 8.72 15.16
CA LEU A 667 -3.21 7.63 14.23
C LEU A 667 -2.19 6.63 14.77
N LEU A 668 -1.49 6.95 15.86
CA LEU A 668 -0.63 5.97 16.52
C LEU A 668 -1.40 4.96 17.36
N ARG A 669 -2.69 5.20 17.65
CA ARG A 669 -3.41 4.35 18.60
C ARG A 669 -3.75 3.01 17.95
N CYS A 670 -3.52 1.93 18.70
CA CYS A 670 -4.03 0.63 18.28
C CYS A 670 -4.84 -0.06 19.38
N THR A 671 -5.37 0.69 20.33
CA THR A 671 -6.28 0.22 21.36
C THR A 671 -7.32 1.31 21.59
N VAL A 672 -8.46 0.92 22.16
CA VAL A 672 -9.43 1.93 22.57
C VAL A 672 -8.87 2.72 23.74
N SER A 673 -9.06 4.03 23.71
CA SER A 673 -8.58 4.91 24.76
C SER A 673 -9.43 4.81 26.03
N GLU A 674 -8.77 4.96 27.17
CA GLU A 674 -9.45 4.97 28.46
C GLU A 674 -10.23 6.27 28.63
N SER A 675 -11.48 6.17 29.06
CA SER A 675 -12.24 7.35 29.43
C SER A 675 -12.18 7.57 30.94
N TRP A 676 -12.22 8.84 31.33
CA TRP A 676 -12.18 9.25 32.74
C TRP A 676 -13.29 8.57 33.56
C10 TWM B . -27.31 -6.89 -2.37
C15 TWM B . -28.41 -3.94 0.29
C17 TWM B . -27.57 -8.31 -0.58
C20 TWM B . -29.29 -8.25 1.65
C21 TWM B . -29.33 -7.27 0.69
C22 TWM B . -23.95 -7.21 -2.71
C03 TWM B . -20.06 -7.40 -3.34
C04 TWM B . -21.55 -7.82 -3.13
C05 TWM B . -21.99 -9.12 -2.99
C06 TWM B . -23.30 -9.48 -2.74
C07 TWM B . -24.34 -8.55 -2.58
C08 TWM B . -25.78 -9.01 -2.33
C11 TWM B . -28.31 -6.33 -1.61
C12 TWM B . -29.08 -5.03 -1.94
C14 TWM B . -29.91 -2.77 -1.33
C16 TWM B . -28.53 -7.20 -0.46
C18 TWM B . -27.54 -9.31 0.38
C19 TWM B . -28.36 -9.30 1.48
C23 TWM B . -22.60 -6.83 -2.96
N02 TWM B . -19.01 -8.26 -2.79
N09 TWM B . -26.80 -8.10 -1.80
N13 TWM B . -28.74 -3.74 -1.19
O01 TWM B . -17.69 -8.05 -2.82
O24 TWM B . -19.74 -6.39 -3.86
P PO4 C . -17.57 -8.54 17.26
O1 PO4 C . -17.22 -7.58 18.39
O2 PO4 C . -16.68 -8.17 16.09
O3 PO4 C . -19.03 -8.41 16.87
O4 PO4 C . -17.31 -9.99 17.66
P PO4 D . -18.88 -1.23 18.69
O1 PO4 D . -18.61 0.24 18.89
O2 PO4 D . -17.98 -1.76 17.60
O3 PO4 D . -18.59 -2.02 19.93
O4 PO4 D . -20.33 -1.46 18.33
ZN ZN E . -17.98 -6.24 -2.14
K K F . -12.78 -7.72 2.20
K K G . -4.05 -19.50 4.92
#